data_2OW7
#
_entry.id   2OW7
#
_cell.length_a   68.900
_cell.length_b   108.580
_cell.length_c   137.779
_cell.angle_alpha   90.00
_cell.angle_beta   90.00
_cell.angle_gamma   90.00
#
_symmetry.space_group_name_H-M   'P 21 21 21'
#
loop_
_entity.id
_entity.type
_entity.pdbx_description
1 polymer 'Alpha-mannosidase 2'
2 non-polymer 2-acetamido-2-deoxy-beta-D-glucopyranose
3 non-polymer 'SULFATE ION'
4 non-polymer 'ZINC ION'
5 non-polymer (4R)-2-METHYLPENTANE-2,4-DIOL
6 non-polymer (1R,6S,7R,8S)-1-THIONIABICYCLO[4.3.0]NONAN-7,8-DIOL
7 water water
#
_entity_poly.entity_id   1
_entity_poly.type   'polypeptide(L)'
_entity_poly.pdbx_seq_one_letter_code
;RSSHHHHHHGEFDDPIRPPLKVARSPRPGQCQDVVQDVPNVDVQMLELYDRMSFKDIDGGVWKQGWNIKYDPLKYNAHHK
LKVFVVPHSHNDPGWIQTFEEYYQHDTKHILSNALRHLHDNPEMKFIWAEISYFARFYHDLGENKKLQMKSIVKNGQLEF
VTGGWVMPDEANSHWRNVLLQLTEGQTWLKQFMNVTPTASWAIDPFGHSPTMPYILQKSGFKNMLIQRTHYSVKKELAQQ
RQLEFLWRQIWDNKGDTALFTHMMPFYSYDIPHTCGPDPKVCCQFDFKRMGSFGLSCPWKVPPRTISDQNVAARSDLLVD
QWKKKAELYRTNVLLIPLGDDFRFKQNTEWDVQRVNYERLFEHINSQAHFNVQAQFGTLQEYFDAVHQAERAGQAEFPTL
SGDFFTYADRSDNYWSGYYTSRPYHKRMDRVLMHYVRAAEMLSAWHSWDGMARIEERLEQARRELSLFQHHDGITGTAKT
HVVVDYEQRMQEALKACQMVMQQSVYRLLTKPSIYSPDFSFSYFTLDDSRWPGSGVEDSRTTIILGEDILPSKHVVMHNT
LPHWREQLVDFYVSSPFVSVTDLANNPVEAQVSPVWSWHHDTLTKTIHPQGSTTKYRIIFKARVPPMGLATYVLTISDSK
PEHTSYASNLLLRKNPTSLPLGQYPEDVKFGDPREISLRVGNGPTLAFSEQGLLKSIQLTQDSPHVPVHFKFLKYGVRSH
GDRSGAYLFLPNGPASPVELGQPVVLVTKGKLESSVSVGLPSVVHQTIMRGGAPEIRNLVDIGSLDNTEIVMRLETHIDS
GDIFYTDLNGLQFIKRRRLDKLPLQANYYPIPSGMFIEDANTRLTLLTGQPLGGSSLASGELEIMQDRRLASDDERGLGQ
GVLDNKPVLHIYRLVLEKVNNCVRPSKLHPAGYLTSAAHKASQSLLDPLDKFIFAENEWIGAQGQFGGDHPSAREDLDVS
VMRRLTKSSAKTQRVGYVLHRTNLMQCGTPEEHTQKLDVCHLLPNVARCERTTLTFLQNLEHLDGMVAPEVCPMETAAYV
SSHSS
;
_entity_poly.pdbx_strand_id   A
#
# COMPACT_ATOMS: atom_id res chain seq x y z
N GLN A 30 -22.54 -5.94 21.35
CA GLN A 30 -21.57 -4.82 21.57
C GLN A 30 -20.70 -4.59 20.33
N CYS A 31 -19.59 -5.31 20.22
CA CYS A 31 -18.87 -5.44 18.94
C CYS A 31 -19.65 -6.41 18.08
N GLN A 32 -19.76 -6.17 16.77
CA GLN A 32 -20.27 -7.15 15.85
C GLN A 32 -19.27 -8.33 15.76
N ASP A 33 -19.80 -9.52 15.54
CA ASP A 33 -18.99 -10.69 15.33
C ASP A 33 -18.57 -10.68 13.88
N VAL A 34 -17.26 -10.69 13.58
CA VAL A 34 -16.79 -10.61 12.18
C VAL A 34 -16.50 -11.99 11.55
N VAL A 35 -16.83 -13.05 12.29
CA VAL A 35 -16.44 -14.41 11.86
C VAL A 35 -17.66 -15.24 11.50
N GLN A 36 -18.61 -15.26 12.42
CA GLN A 36 -19.64 -16.29 12.40
C GLN A 36 -20.95 -15.90 11.70
N ASP A 37 -21.16 -14.64 11.36
CA ASP A 37 -22.44 -14.28 10.70
C ASP A 37 -22.09 -13.80 9.28
N VAL A 38 -22.55 -14.54 8.25
CA VAL A 38 -22.33 -14.17 6.84
C VAL A 38 -23.25 -13.00 6.47
N PRO A 39 -22.68 -11.82 6.08
CA PRO A 39 -23.59 -10.74 5.68
C PRO A 39 -24.49 -11.12 4.50
N ASN A 40 -25.72 -10.63 4.60
CA ASN A 40 -26.63 -10.73 3.53
C ASN A 40 -26.61 -9.41 2.71
N VAL A 41 -26.12 -9.51 1.47
CA VAL A 41 -25.99 -8.36 0.58
C VAL A 41 -26.62 -8.69 -0.79
N ASP A 42 -27.00 -7.65 -1.53
CA ASP A 42 -27.57 -7.81 -2.87
C ASP A 42 -26.54 -8.37 -3.84
N VAL A 43 -25.29 -7.93 -3.74
CA VAL A 43 -24.22 -8.30 -4.70
C VAL A 43 -23.04 -8.61 -3.79
N GLN A 44 -22.57 -9.82 -3.87
CA GLN A 44 -21.37 -10.21 -3.14
C GLN A 44 -20.39 -10.61 -4.24
N MET A 45 -19.28 -9.88 -4.39
CA MET A 45 -18.50 -10.04 -5.63
C MET A 45 -17.93 -11.47 -5.85
N LEU A 46 -17.55 -12.19 -4.79
CA LEU A 46 -16.99 -13.57 -5.03
C LEU A 46 -18.12 -14.44 -5.60
N GLU A 47 -19.33 -14.25 -5.03
CA GLU A 47 -20.52 -15.02 -5.52
C GLU A 47 -20.86 -14.64 -6.97
N LEU A 48 -20.75 -13.36 -7.30
CA LEU A 48 -21.07 -12.90 -8.60
C LEU A 48 -20.06 -13.47 -9.60
N TYR A 49 -18.79 -13.44 -9.19
CA TYR A 49 -17.74 -14.02 -10.05
C TYR A 49 -18.04 -15.51 -10.36
N ASP A 50 -18.61 -16.22 -9.39
CA ASP A 50 -18.79 -17.68 -9.50
C ASP A 50 -19.84 -17.94 -10.58
N ARG A 51 -20.86 -17.07 -10.62
CA ARG A 51 -22.03 -17.22 -11.48
C ARG A 51 -21.85 -16.61 -12.88
N MET A 52 -21.10 -15.53 -13.03
CA MET A 52 -21.02 -14.70 -14.26
C MET A 52 -20.29 -15.41 -15.37
N SER A 53 -20.51 -15.07 -16.64
CA SER A 53 -19.85 -15.81 -17.78
CA SER A 53 -19.84 -15.83 -17.71
C SER A 53 -18.38 -15.48 -18.24
N PHE A 54 -18.12 -14.19 -18.27
CA PHE A 54 -16.95 -13.48 -18.79
C PHE A 54 -16.67 -13.52 -20.28
N LYS A 55 -17.64 -13.94 -21.09
CA LYS A 55 -17.38 -14.00 -22.53
C LYS A 55 -17.34 -12.56 -23.05
N ASP A 56 -16.39 -12.34 -23.95
CA ASP A 56 -16.07 -11.04 -24.48
C ASP A 56 -16.78 -10.86 -25.86
N ILE A 57 -18.04 -10.55 -25.81
CA ILE A 57 -18.76 -10.47 -27.04
C ILE A 57 -18.97 -9.01 -27.48
N ASP A 58 -19.01 -8.81 -28.80
CA ASP A 58 -19.15 -7.53 -29.38
C ASP A 58 -20.57 -6.98 -29.14
N GLY A 59 -20.67 -5.93 -28.33
CA GLY A 59 -21.98 -5.34 -27.99
C GLY A 59 -22.49 -4.27 -28.95
N GLY A 60 -21.73 -3.99 -30.01
CA GLY A 60 -22.09 -2.91 -30.96
C GLY A 60 -21.27 -1.66 -30.67
N VAL A 61 -21.85 -0.47 -30.84
CA VAL A 61 -21.14 0.80 -30.58
C VAL A 61 -20.62 0.85 -29.14
N TRP A 62 -21.42 0.37 -28.22
CA TRP A 62 -20.93 0.04 -26.87
C TRP A 62 -20.26 -1.34 -26.92
N LYS A 63 -18.96 -1.33 -27.20
CA LYS A 63 -18.29 -2.62 -27.56
C LYS A 63 -18.49 -3.70 -26.49
N GLN A 64 -18.49 -3.32 -25.21
CA GLN A 64 -18.55 -4.30 -24.12
C GLN A 64 -19.88 -4.30 -23.43
N GLY A 65 -20.92 -3.73 -24.08
CA GLY A 65 -22.23 -3.81 -23.47
C GLY A 65 -23.22 -4.34 -24.49
N TRP A 66 -24.24 -3.55 -24.70
CA TRP A 66 -25.32 -3.91 -25.66
C TRP A 66 -25.97 -2.61 -26.14
N ASN A 67 -26.89 -2.72 -27.11
CA ASN A 67 -27.61 -1.53 -27.63
C ASN A 67 -28.70 -1.12 -26.66
N ILE A 68 -28.42 -0.02 -26.00
CA ILE A 68 -29.30 0.37 -24.94
C ILE A 68 -30.61 0.94 -25.54
N LYS A 69 -31.75 0.59 -24.97
CA LYS A 69 -33.04 1.13 -25.44
C LYS A 69 -33.70 1.87 -24.29
N TYR A 70 -34.41 2.94 -24.59
CA TYR A 70 -35.16 3.67 -23.59
C TYR A 70 -36.56 4.00 -24.14
N ASP A 71 -37.48 4.24 -23.21
CA ASP A 71 -38.81 4.75 -23.53
C ASP A 71 -38.80 6.29 -23.52
N PRO A 72 -38.98 6.89 -24.71
CA PRO A 72 -38.98 8.36 -24.79
C PRO A 72 -39.98 9.04 -23.82
N LEU A 73 -41.08 8.36 -23.48
CA LEU A 73 -42.08 8.94 -22.58
C LEU A 73 -41.79 8.81 -21.08
N LYS A 74 -40.68 8.17 -20.71
CA LYS A 74 -40.19 8.13 -19.31
C LYS A 74 -40.00 9.52 -18.70
N TYR A 75 -39.42 10.41 -19.51
CA TYR A 75 -39.19 11.80 -19.14
C TYR A 75 -40.35 12.66 -19.75
N ASN A 76 -40.89 13.55 -18.94
CA ASN A 76 -41.97 14.48 -19.34
C ASN A 76 -41.96 15.71 -18.44
N ALA A 77 -42.94 16.63 -18.56
CA ALA A 77 -42.82 17.89 -17.82
C ALA A 77 -42.85 17.69 -16.30
N HIS A 78 -43.39 16.57 -15.84
CA HIS A 78 -43.38 16.33 -14.38
C HIS A 78 -42.16 15.56 -13.88
N HIS A 79 -41.37 15.04 -14.83
CA HIS A 79 -40.28 14.15 -14.48
C HIS A 79 -39.13 14.37 -15.50
N LYS A 80 -38.29 15.34 -15.22
CA LYS A 80 -37.23 15.70 -16.13
C LYS A 80 -35.97 14.93 -15.74
N LEU A 81 -35.13 14.69 -16.74
CA LEU A 81 -33.78 14.22 -16.52
C LEU A 81 -32.88 15.42 -16.18
N LYS A 82 -32.25 15.35 -15.00
CA LYS A 82 -31.42 16.49 -14.54
C LYS A 82 -30.01 16.04 -14.83
N VAL A 83 -29.28 16.82 -15.65
CA VAL A 83 -27.97 16.35 -16.15
C VAL A 83 -26.91 17.29 -15.58
N PHE A 84 -25.89 16.72 -14.92
CA PHE A 84 -24.76 17.51 -14.39
C PHE A 84 -23.50 17.16 -15.19
N VAL A 85 -23.00 18.17 -15.93
CA VAL A 85 -21.79 18.06 -16.71
C VAL A 85 -20.69 18.57 -15.83
N VAL A 86 -19.77 17.69 -15.53
CA VAL A 86 -18.76 17.95 -14.43
C VAL A 86 -17.33 18.05 -15.02
N PRO A 87 -16.88 19.29 -15.33
CA PRO A 87 -15.56 19.44 -15.92
C PRO A 87 -14.45 19.00 -14.93
N HIS A 88 -13.47 18.32 -15.46
CA HIS A 88 -12.37 17.73 -14.64
C HIS A 88 -11.06 17.64 -15.48
N SER A 89 -9.93 17.37 -14.79
CA SER A 89 -8.65 17.33 -15.47
C SER A 89 -7.81 16.33 -14.67
N HIS A 90 -7.45 15.21 -15.28
CA HIS A 90 -6.76 14.13 -14.53
C HIS A 90 -5.25 14.48 -14.54
N ASN A 91 -4.69 14.87 -13.37
CA ASN A 91 -3.29 15.23 -13.26
C ASN A 91 -2.50 14.18 -12.51
N ASP A 92 -1.68 13.37 -13.20
CA ASP A 92 -0.88 12.35 -12.54
C ASP A 92 0.36 13.04 -11.87
N PRO A 93 0.50 12.84 -10.55
CA PRO A 93 1.72 13.36 -9.88
C PRO A 93 2.95 12.46 -10.24
N GLY A 94 3.39 12.57 -11.51
CA GLY A 94 4.46 11.73 -12.09
C GLY A 94 3.82 10.58 -12.88
N TRP A 95 4.36 10.38 -14.08
CA TRP A 95 4.02 9.22 -14.91
C TRP A 95 5.03 9.18 -16.09
N ILE A 96 4.70 9.92 -17.16
CA ILE A 96 5.59 10.09 -18.32
C ILE A 96 6.61 11.19 -18.01
N GLN A 97 6.30 12.07 -17.07
CA GLN A 97 7.16 13.16 -16.63
C GLN A 97 7.16 13.12 -15.13
N THR A 98 8.15 13.77 -14.52
CA THR A 98 8.16 13.81 -13.05
C THR A 98 7.07 14.77 -12.57
N PHE A 99 6.74 14.63 -11.29
CA PHE A 99 5.90 15.63 -10.62
C PHE A 99 6.23 17.08 -11.07
N GLU A 100 7.50 17.46 -10.91
CA GLU A 100 7.88 18.83 -11.12
C GLU A 100 7.84 19.18 -12.62
N GLU A 101 8.25 18.22 -13.51
CA GLU A 101 8.14 18.45 -14.97
C GLU A 101 6.66 18.69 -15.35
N TYR A 102 5.77 17.80 -14.94
CA TYR A 102 4.33 18.07 -15.22
C TYR A 102 3.86 19.42 -14.64
N TYR A 103 4.25 19.70 -13.40
CA TYR A 103 3.80 20.93 -12.78
C TYR A 103 4.21 22.15 -13.67
N GLN A 104 5.48 22.18 -14.06
CA GLN A 104 6.00 23.28 -14.89
C GLN A 104 5.34 23.34 -16.29
N HIS A 105 5.19 22.18 -16.91
CA HIS A 105 4.77 22.10 -18.30
C HIS A 105 3.23 22.16 -18.44
N ASP A 106 2.49 21.67 -17.43
CA ASP A 106 1.07 21.41 -17.58
C ASP A 106 0.19 21.95 -16.48
N THR A 107 0.44 21.47 -15.28
CA THR A 107 -0.50 21.68 -14.22
C THR A 107 -0.50 23.14 -13.72
N LYS A 108 0.65 23.88 -13.71
CA LYS A 108 0.56 25.25 -13.24
C LYS A 108 -0.34 26.09 -14.20
N HIS A 109 -0.33 25.73 -15.46
CA HIS A 109 -1.18 26.40 -16.47
C HIS A 109 -2.66 26.09 -16.32
N ILE A 110 -2.98 24.81 -16.10
CA ILE A 110 -4.37 24.34 -15.89
C ILE A 110 -4.93 25.07 -14.67
N LEU A 111 -4.16 25.09 -13.57
CA LEU A 111 -4.70 25.73 -12.43
C LEU A 111 -4.77 27.29 -12.55
N SER A 112 -3.80 27.90 -13.22
N SER A 112 -3.80 27.89 -13.23
CA SER A 112 -3.81 29.36 -13.46
CA SER A 112 -3.80 29.36 -13.50
C SER A 112 -5.06 29.72 -14.30
C SER A 112 -5.00 29.77 -14.36
N ASN A 113 -5.27 28.95 -15.36
CA ASN A 113 -6.44 29.16 -16.22
C ASN A 113 -7.73 28.77 -15.57
N ALA A 114 -7.74 27.71 -14.73
CA ALA A 114 -8.95 27.41 -13.92
C ALA A 114 -9.32 28.61 -13.09
N LEU A 115 -8.34 29.17 -12.37
CA LEU A 115 -8.65 30.36 -11.52
C LEU A 115 -9.27 31.49 -12.34
N ARG A 116 -8.63 31.80 -13.48
CA ARG A 116 -9.12 32.92 -14.32
C ARG A 116 -10.53 32.62 -14.84
N HIS A 117 -10.69 31.45 -15.42
CA HIS A 117 -11.97 31.17 -16.10
C HIS A 117 -13.14 30.99 -15.20
N LEU A 118 -12.98 30.29 -14.08
CA LEU A 118 -14.05 30.22 -13.10
C LEU A 118 -14.38 31.59 -12.53
N HIS A 119 -13.38 32.35 -12.19
CA HIS A 119 -13.64 33.66 -11.66
C HIS A 119 -14.55 34.47 -12.65
N ASP A 120 -14.22 34.42 -13.94
CA ASP A 120 -14.86 35.29 -14.98
C ASP A 120 -16.16 34.73 -15.50
N ASN A 121 -16.43 33.45 -15.18
CA ASN A 121 -17.59 32.71 -15.68
C ASN A 121 -18.36 31.99 -14.58
N PRO A 122 -19.26 32.72 -13.90
CA PRO A 122 -19.76 32.24 -12.62
C PRO A 122 -20.50 30.89 -12.61
N GLU A 123 -21.01 30.45 -13.76
CA GLU A 123 -21.75 29.17 -13.84
C GLU A 123 -20.88 28.01 -14.20
N MET A 124 -19.66 28.29 -14.61
CA MET A 124 -18.70 27.25 -14.98
C MET A 124 -18.25 26.61 -13.64
N LYS A 125 -17.99 25.32 -13.67
CA LYS A 125 -17.59 24.53 -12.45
C LYS A 125 -16.38 23.63 -12.81
N PHE A 126 -15.69 23.08 -11.83
CA PHE A 126 -14.45 22.33 -12.13
C PHE A 126 -14.18 21.55 -10.87
N ILE A 127 -13.74 20.30 -11.00
CA ILE A 127 -13.43 19.50 -9.81
C ILE A 127 -11.90 19.21 -9.81
N TRP A 128 -11.33 19.10 -8.60
CA TRP A 128 -9.87 18.98 -8.46
C TRP A 128 -9.53 17.89 -7.43
N ALA A 129 -8.74 16.88 -7.86
CA ALA A 129 -8.43 15.75 -6.94
C ALA A 129 -7.08 15.81 -6.22
N GLU A 130 -6.01 16.17 -6.93
CA GLU A 130 -4.63 15.89 -6.44
C GLU A 130 -4.11 17.09 -5.63
N ILE A 131 -4.15 16.99 -4.30
CA ILE A 131 -3.75 18.16 -3.50
C ILE A 131 -2.21 18.44 -3.55
N SER A 132 -1.37 17.41 -3.78
CA SER A 132 0.08 17.64 -4.00
C SER A 132 0.31 18.72 -5.03
N TYR A 133 -0.37 18.66 -6.19
CA TYR A 133 -0.25 19.74 -7.17
C TYR A 133 -0.89 21.05 -6.69
N PHE A 134 -2.06 20.98 -6.04
CA PHE A 134 -2.76 22.20 -5.68
C PHE A 134 -1.95 23.00 -4.64
N ALA A 135 -1.36 22.26 -3.69
CA ALA A 135 -0.47 22.87 -2.70
C ALA A 135 0.80 23.48 -3.37
N ARG A 136 1.46 22.76 -4.28
CA ARG A 136 2.63 23.25 -5.10
C ARG A 136 2.24 24.56 -5.79
N PHE A 137 1.00 24.67 -6.26
CA PHE A 137 0.58 25.85 -7.03
C PHE A 137 0.24 26.99 -6.05
N TYR A 138 -0.54 26.68 -5.03
CA TYR A 138 -1.05 27.71 -4.18
C TYR A 138 0.09 28.45 -3.48
N HIS A 139 1.17 27.77 -3.15
CA HIS A 139 2.17 28.55 -2.44
C HIS A 139 3.06 29.41 -3.36
N ASP A 140 2.95 29.23 -4.67
CA ASP A 140 3.52 30.18 -5.62
C ASP A 140 2.62 31.37 -5.94
N LEU A 141 1.40 31.42 -5.40
CA LEU A 141 0.45 32.55 -5.71
C LEU A 141 0.65 33.79 -4.81
N GLY A 142 0.48 34.99 -5.37
CA GLY A 142 0.43 36.24 -4.58
C GLY A 142 -0.89 36.30 -3.83
N GLU A 143 -1.00 37.22 -2.85
CA GLU A 143 -2.16 37.22 -1.94
C GLU A 143 -3.41 37.50 -2.72
N ASN A 144 -3.31 38.37 -3.72
CA ASN A 144 -4.53 38.73 -4.43
C ASN A 144 -5.18 37.46 -5.07
N LYS A 145 -4.35 36.64 -5.71
CA LYS A 145 -4.78 35.40 -6.36
C LYS A 145 -5.20 34.34 -5.36
N LYS A 146 -4.56 34.33 -4.19
CA LYS A 146 -5.05 33.45 -3.12
C LYS A 146 -6.43 33.82 -2.72
N LEU A 147 -6.67 35.10 -2.54
CA LEU A 147 -8.01 35.56 -2.24
C LEU A 147 -9.05 35.15 -3.35
N GLN A 148 -8.71 35.35 -4.63
CA GLN A 148 -9.59 34.94 -5.71
C GLN A 148 -9.88 33.43 -5.71
N MET A 149 -8.86 32.67 -5.40
CA MET A 149 -8.97 31.20 -5.35
C MET A 149 -9.90 30.78 -4.22
N LYS A 150 -9.76 31.39 -3.02
CA LYS A 150 -10.67 31.02 -1.96
C LYS A 150 -12.09 31.38 -2.29
N SER A 151 -12.27 32.44 -3.08
CA SER A 151 -13.61 32.89 -3.41
C SER A 151 -14.34 31.92 -4.35
N ILE A 152 -13.64 31.40 -5.36
CA ILE A 152 -14.20 30.35 -6.22
C ILE A 152 -14.40 28.97 -5.51
N VAL A 153 -13.67 28.72 -4.41
CA VAL A 153 -13.95 27.52 -3.58
C VAL A 153 -15.18 27.75 -2.71
N LYS A 154 -15.18 28.90 -2.05
CA LYS A 154 -16.31 29.27 -1.21
C LYS A 154 -17.67 29.25 -1.90
N ASN A 155 -17.71 29.63 -3.16
CA ASN A 155 -18.93 29.83 -3.86
C ASN A 155 -19.27 28.54 -4.62
N GLY A 156 -18.44 27.50 -4.46
CA GLY A 156 -18.77 26.17 -5.00
C GLY A 156 -18.38 25.93 -6.45
N GLN A 157 -17.72 26.88 -7.11
CA GLN A 157 -17.44 26.65 -8.51
C GLN A 157 -16.27 25.67 -8.66
N LEU A 158 -15.21 25.91 -7.89
CA LEU A 158 -14.07 24.95 -7.80
C LEU A 158 -14.27 24.00 -6.59
N GLU A 159 -14.38 22.70 -6.82
CA GLU A 159 -14.73 21.82 -5.72
C GLU A 159 -13.66 20.71 -5.63
N PHE A 160 -13.14 20.51 -4.43
CA PHE A 160 -12.14 19.44 -4.28
C PHE A 160 -12.86 18.12 -4.11
N VAL A 161 -12.33 17.11 -4.77
CA VAL A 161 -12.92 15.78 -4.65
C VAL A 161 -11.85 14.88 -4.03
N THR A 162 -12.29 14.08 -3.08
CA THR A 162 -11.39 13.30 -2.18
C THR A 162 -10.51 14.22 -1.32
N GLY A 163 -9.60 14.97 -1.96
CA GLY A 163 -8.73 15.91 -1.21
C GLY A 163 -7.50 15.15 -0.65
N GLY A 164 -7.17 13.97 -1.19
CA GLY A 164 -5.89 13.34 -0.82
C GLY A 164 -4.70 14.01 -1.47
N TRP A 165 -3.50 13.80 -0.95
CA TRP A 165 -2.31 14.29 -1.63
C TRP A 165 -2.27 13.79 -3.08
N VAL A 166 -2.72 12.55 -3.27
CA VAL A 166 -2.73 11.89 -4.57
C VAL A 166 -4.07 11.15 -4.69
N MET A 167 -4.28 10.51 -5.85
CA MET A 167 -5.36 9.50 -6.06
C MET A 167 -4.57 8.17 -5.97
N PRO A 168 -4.54 7.54 -4.78
CA PRO A 168 -3.59 6.39 -4.56
C PRO A 168 -3.92 5.16 -5.38
N ASP A 169 -2.86 4.38 -5.68
CA ASP A 169 -3.09 3.00 -6.04
C ASP A 169 -3.97 2.39 -4.96
N GLU A 170 -4.80 1.42 -5.34
CA GLU A 170 -5.57 0.69 -4.33
C GLU A 170 -5.14 -0.79 -4.18
N ALA A 171 -4.23 -1.26 -5.03
CA ALA A 171 -3.71 -2.65 -4.93
C ALA A 171 -2.55 -2.86 -4.01
N ASN A 172 -1.48 -2.09 -4.24
CA ASN A 172 -0.22 -2.34 -3.55
C ASN A 172 -0.09 -1.50 -2.29
N SER A 173 -0.92 -0.45 -2.19
CA SER A 173 -0.75 0.52 -1.07
C SER A 173 -1.16 -0.08 0.28
N HIS A 174 -0.42 0.29 1.32
CA HIS A 174 -0.81 -0.13 2.65
C HIS A 174 -1.92 0.83 3.14
N TRP A 175 -2.91 0.32 3.84
CA TRP A 175 -3.99 1.22 4.35
C TRP A 175 -3.43 2.35 5.19
N ARG A 176 -2.36 2.06 5.92
CA ARG A 176 -1.73 3.13 6.76
C ARG A 176 -1.25 4.31 5.88
N ASN A 177 -0.76 4.02 4.67
CA ASN A 177 -0.28 5.12 3.81
C ASN A 177 -1.37 5.78 2.97
N VAL A 178 -2.40 4.98 2.68
CA VAL A 178 -3.64 5.53 2.10
C VAL A 178 -4.17 6.60 3.08
N LEU A 179 -4.28 6.28 4.36
CA LEU A 179 -4.69 7.25 5.37
C LEU A 179 -3.66 8.40 5.50
N LEU A 180 -2.38 8.09 5.46
CA LEU A 180 -1.35 9.15 5.53
C LEU A 180 -1.61 10.21 4.45
N GLN A 181 -1.74 9.77 3.19
CA GLN A 181 -1.77 10.71 2.03
C GLN A 181 -3.13 11.43 2.05
N LEU A 182 -4.19 10.72 2.50
CA LEU A 182 -5.52 11.38 2.62
C LEU A 182 -5.45 12.52 3.66
N THR A 183 -4.83 12.20 4.80
CA THR A 183 -4.73 13.16 5.89
C THR A 183 -3.83 14.34 5.43
N GLU A 184 -2.74 14.08 4.68
CA GLU A 184 -1.80 15.13 4.28
C GLU A 184 -2.58 16.15 3.38
N GLY A 185 -3.40 15.63 2.48
CA GLY A 185 -4.11 16.52 1.55
C GLY A 185 -5.25 17.22 2.29
N GLN A 186 -6.04 16.49 3.05
CA GLN A 186 -7.20 17.15 3.73
C GLN A 186 -6.77 18.12 4.85
N THR A 187 -5.61 17.91 5.48
CA THR A 187 -5.16 18.85 6.53
C THR A 187 -4.77 20.14 5.79
N TRP A 188 -4.17 20.01 4.62
CA TRP A 188 -3.82 21.17 3.82
C TRP A 188 -5.08 21.93 3.43
N LEU A 189 -6.09 21.25 2.90
CA LEU A 189 -7.35 21.87 2.50
C LEU A 189 -8.02 22.56 3.66
N LYS A 190 -8.01 21.94 4.84
N LYS A 190 -8.02 21.93 4.83
CA LYS A 190 -8.73 22.55 5.97
CA LYS A 190 -8.70 22.59 5.97
C LYS A 190 -8.01 23.84 6.45
C LYS A 190 -7.97 23.90 6.25
N GLN A 191 -6.68 23.79 6.51
CA GLN A 191 -5.91 24.94 6.90
C GLN A 191 -5.97 26.13 5.92
N PHE A 192 -5.84 25.84 4.64
CA PHE A 192 -5.69 26.89 3.62
C PHE A 192 -6.97 27.23 2.82
N MET A 193 -7.88 26.27 2.69
CA MET A 193 -9.11 26.48 1.91
C MET A 193 -10.37 26.46 2.77
N ASN A 194 -10.23 25.98 4.00
CA ASN A 194 -11.32 25.81 4.92
C ASN A 194 -12.42 24.89 4.36
N VAL A 195 -12.01 23.78 3.72
CA VAL A 195 -12.97 22.82 3.23
C VAL A 195 -12.49 21.41 3.53
N THR A 196 -13.41 20.51 3.73
CA THR A 196 -13.14 19.04 3.82
C THR A 196 -14.09 18.26 2.94
N PRO A 197 -13.58 17.71 1.79
CA PRO A 197 -14.44 16.99 0.86
C PRO A 197 -15.12 15.78 1.55
N THR A 198 -16.35 15.46 1.13
CA THR A 198 -17.12 14.34 1.64
C THR A 198 -17.48 13.44 0.45
N ALA A 199 -17.03 13.80 -0.77
CA ALA A 199 -17.26 12.94 -1.96
C ALA A 199 -15.86 12.60 -2.53
N SER A 200 -15.63 11.32 -2.83
CA SER A 200 -14.32 10.91 -3.34
C SER A 200 -14.42 10.60 -4.88
N TRP A 201 -13.32 10.83 -5.62
CA TRP A 201 -13.23 10.62 -7.05
C TRP A 201 -11.95 9.81 -7.38
N ALA A 202 -12.17 8.57 -7.82
CA ALA A 202 -11.05 7.64 -8.11
C ALA A 202 -11.27 7.04 -9.48
N ILE A 203 -10.81 7.78 -10.50
CA ILE A 203 -11.12 7.40 -11.89
C ILE A 203 -10.04 6.57 -12.59
N ASP A 204 -8.84 6.54 -12.01
CA ASP A 204 -7.74 5.94 -12.68
C ASP A 204 -7.02 4.78 -11.99
N PRO A 205 -7.17 4.55 -10.66
CA PRO A 205 -6.45 3.33 -10.13
C PRO A 205 -6.91 2.06 -10.86
N PHE A 206 -6.03 1.07 -10.98
CA PHE A 206 -6.25 -0.04 -11.91
C PHE A 206 -6.97 -1.16 -11.19
N GLY A 207 -8.28 -0.98 -10.96
CA GLY A 207 -9.02 -1.86 -10.07
C GLY A 207 -9.16 -1.18 -8.72
N HIS A 208 -10.17 -1.62 -7.96
CA HIS A 208 -10.57 -0.92 -6.73
C HIS A 208 -10.70 -1.83 -5.49
N SER A 209 -10.38 -1.25 -4.33
CA SER A 209 -10.37 -1.91 -3.05
C SER A 209 -11.41 -1.36 -2.05
N PRO A 210 -12.05 -2.25 -1.28
CA PRO A 210 -12.98 -1.80 -0.28
C PRO A 210 -12.28 -1.13 0.92
N THR A 211 -10.95 -1.21 0.97
CA THR A 211 -10.21 -0.39 1.97
C THR A 211 -10.54 1.09 1.78
N MET A 212 -10.77 1.52 0.53
CA MET A 212 -11.15 2.95 0.32
C MET A 212 -12.47 3.37 1.03
N PRO A 213 -13.60 2.70 0.76
CA PRO A 213 -14.78 3.13 1.56
C PRO A 213 -14.61 2.92 3.07
N TYR A 214 -13.89 1.86 3.51
CA TYR A 214 -13.55 1.69 4.94
C TYR A 214 -12.91 2.98 5.52
N ILE A 215 -11.79 3.46 4.95
CA ILE A 215 -11.12 4.66 5.44
C ILE A 215 -11.99 5.91 5.23
N LEU A 216 -12.55 6.07 4.04
CA LEU A 216 -13.34 7.29 3.72
C LEU A 216 -14.51 7.43 4.66
N GLN A 217 -15.24 6.31 4.89
CA GLN A 217 -16.47 6.40 5.70
C GLN A 217 -16.08 6.76 7.15
N LYS A 218 -14.88 6.39 7.59
CA LYS A 218 -14.45 6.80 8.95
C LYS A 218 -13.77 8.16 8.96
N SER A 219 -13.78 8.86 7.82
CA SER A 219 -13.13 10.17 7.67
C SER A 219 -14.17 11.14 7.17
N GLY A 220 -15.44 10.88 7.55
CA GLY A 220 -16.50 11.85 7.23
C GLY A 220 -17.17 11.77 5.85
N PHE A 221 -16.77 10.81 5.00
CA PHE A 221 -17.24 10.80 3.62
C PHE A 221 -18.65 10.24 3.57
N LYS A 222 -19.40 10.71 2.59
CA LYS A 222 -20.77 10.27 2.34
C LYS A 222 -20.91 9.57 0.99
N ASN A 223 -19.98 9.82 0.04
CA ASN A 223 -20.11 9.26 -1.31
C ASN A 223 -18.76 9.02 -1.98
N MET A 224 -18.70 8.11 -2.97
CA MET A 224 -17.46 7.92 -3.67
C MET A 224 -17.75 7.39 -5.07
N LEU A 225 -16.74 7.51 -5.94
CA LEU A 225 -16.91 7.16 -7.36
C LEU A 225 -15.67 6.38 -7.78
N ILE A 226 -15.92 5.34 -8.58
CA ILE A 226 -14.82 4.51 -9.11
C ILE A 226 -15.04 4.30 -10.62
N GLN A 227 -13.96 3.90 -11.34
CA GLN A 227 -14.12 3.78 -12.77
C GLN A 227 -13.55 2.47 -13.32
N ARG A 228 -12.31 2.18 -12.93
CA ARG A 228 -11.61 1.02 -13.61
C ARG A 228 -11.98 -0.30 -12.95
N THR A 229 -13.12 -0.89 -13.39
CA THR A 229 -13.47 -2.21 -13.01
C THR A 229 -13.59 -3.06 -14.30
N HIS A 230 -13.51 -4.38 -14.12
CA HIS A 230 -13.49 -5.32 -15.26
C HIS A 230 -14.69 -5.05 -16.14
N TYR A 231 -14.49 -5.00 -17.46
CA TYR A 231 -15.59 -4.71 -18.40
C TYR A 231 -16.78 -5.69 -18.23
N SER A 232 -16.52 -6.92 -17.78
CA SER A 232 -17.66 -7.85 -17.62
C SER A 232 -18.51 -7.50 -16.45
N VAL A 233 -17.86 -6.97 -15.42
CA VAL A 233 -18.57 -6.53 -14.20
C VAL A 233 -19.46 -5.30 -14.48
N LYS A 234 -18.90 -4.33 -15.18
CA LYS A 234 -19.68 -3.14 -15.65
C LYS A 234 -20.94 -3.60 -16.42
N LYS A 235 -20.76 -4.58 -17.30
CA LYS A 235 -21.91 -5.07 -18.15
C LYS A 235 -22.93 -5.75 -17.24
N GLU A 236 -22.48 -6.59 -16.35
CA GLU A 236 -23.31 -7.33 -15.41
C GLU A 236 -24.11 -6.38 -14.46
N LEU A 237 -23.40 -5.44 -13.80
CA LEU A 237 -24.07 -4.48 -12.93
C LEU A 237 -24.97 -3.53 -13.70
N ALA A 238 -24.59 -3.11 -14.90
CA ALA A 238 -25.44 -2.16 -15.67
C ALA A 238 -26.80 -2.85 -15.96
N GLN A 239 -26.75 -4.13 -16.28
CA GLN A 239 -27.99 -4.80 -16.71
C GLN A 239 -28.99 -4.80 -15.58
N GLN A 240 -28.49 -4.77 -14.36
CA GLN A 240 -29.35 -4.83 -13.19
C GLN A 240 -29.53 -3.44 -12.55
N ARG A 241 -28.95 -2.39 -13.15
CA ARG A 241 -28.94 -1.01 -12.54
C ARG A 241 -28.36 -1.14 -11.11
N GLN A 242 -27.25 -1.89 -11.04
CA GLN A 242 -26.51 -2.00 -9.74
C GLN A 242 -25.17 -1.29 -9.76
N LEU A 243 -25.06 -0.25 -10.61
CA LEU A 243 -23.83 0.53 -10.70
C LEU A 243 -23.67 1.54 -9.56
N GLU A 244 -24.77 1.86 -8.89
CA GLU A 244 -24.71 2.66 -7.66
C GLU A 244 -25.17 1.73 -6.52
N PHE A 245 -24.37 1.67 -5.44
CA PHE A 245 -24.58 0.64 -4.41
C PHE A 245 -23.99 1.12 -3.10
N LEU A 246 -24.44 0.53 -2.03
CA LEU A 246 -23.97 0.88 -0.67
C LEU A 246 -22.91 -0.18 -0.41
N TRP A 247 -21.67 0.24 -0.55
CA TRP A 247 -20.54 -0.66 -0.45
C TRP A 247 -20.10 -0.81 1.05
N ARG A 248 -20.36 -2.00 1.59
CA ARG A 248 -19.95 -2.37 2.98
C ARG A 248 -18.80 -3.34 2.94
N GLN A 249 -18.18 -3.46 4.12
CA GLN A 249 -17.02 -4.35 4.24
C GLN A 249 -17.52 -5.79 4.21
N ILE A 250 -16.66 -6.70 3.76
CA ILE A 250 -17.10 -8.09 3.61
C ILE A 250 -17.60 -8.78 4.88
N TRP A 251 -17.14 -8.35 6.04
CA TRP A 251 -17.56 -9.00 7.28
C TRP A 251 -18.67 -8.23 8.00
N ASP A 252 -19.20 -7.17 7.38
CA ASP A 252 -20.08 -6.23 8.10
C ASP A 252 -21.55 -6.69 8.01
N ASN A 253 -22.08 -7.32 9.08
CA ASN A 253 -23.42 -7.89 9.00
C ASN A 253 -24.48 -6.77 9.05
N LYS A 254 -24.13 -5.74 9.77
CA LYS A 254 -25.08 -4.67 10.08
C LYS A 254 -25.20 -3.65 8.95
N GLY A 255 -24.07 -3.33 8.34
CA GLY A 255 -24.07 -2.29 7.36
C GLY A 255 -23.50 -0.96 7.83
N ASP A 256 -22.92 -0.84 9.05
CA ASP A 256 -22.52 0.52 9.50
C ASP A 256 -21.28 1.06 8.75
N THR A 257 -20.59 0.19 8.04
CA THR A 257 -19.38 0.62 7.29
C THR A 257 -19.81 1.14 5.90
N ALA A 258 -21.12 1.03 5.58
CA ALA A 258 -21.52 1.17 4.18
C ALA A 258 -21.28 2.59 3.64
N LEU A 259 -20.81 2.71 2.38
CA LEU A 259 -20.64 4.04 1.76
C LEU A 259 -21.20 4.01 0.33
N PHE A 260 -22.05 5.00 0.02
CA PHE A 260 -22.66 5.06 -1.26
C PHE A 260 -21.58 5.25 -2.34
N THR A 261 -21.63 4.40 -3.36
CA THR A 261 -20.59 4.34 -4.40
C THR A 261 -21.24 4.35 -5.74
N HIS A 262 -20.65 5.16 -6.59
CA HIS A 262 -21.06 5.21 -8.00
C HIS A 262 -19.93 4.61 -8.85
N MET A 263 -20.24 3.54 -9.61
CA MET A 263 -19.30 2.99 -10.57
C MET A 263 -19.70 3.54 -11.93
N MET A 264 -18.77 4.19 -12.62
N MET A 264 -18.78 4.20 -12.62
CA MET A 264 -18.96 4.60 -14.00
CA MET A 264 -19.04 4.61 -13.99
C MET A 264 -19.11 3.37 -14.91
C MET A 264 -19.11 3.38 -14.91
N PRO A 265 -19.95 3.48 -15.99
CA PRO A 265 -20.31 2.29 -16.76
C PRO A 265 -19.44 1.89 -17.94
N PHE A 266 -18.60 2.80 -18.41
CA PHE A 266 -17.94 2.60 -19.68
C PHE A 266 -16.40 2.43 -19.59
N TYR A 267 -15.76 2.31 -20.74
CA TYR A 267 -14.40 1.80 -20.85
C TYR A 267 -13.38 2.82 -20.32
N SER A 268 -13.74 4.12 -20.35
CA SER A 268 -12.75 5.14 -19.92
C SER A 268 -13.42 6.29 -19.22
N TYR A 269 -12.65 7.14 -18.53
CA TYR A 269 -13.21 8.41 -18.07
C TYR A 269 -13.06 9.56 -19.08
N ASP A 270 -12.50 9.31 -20.28
CA ASP A 270 -12.38 10.40 -21.25
C ASP A 270 -13.76 10.84 -21.83
N ILE A 271 -13.76 11.88 -22.69
CA ILE A 271 -15.08 12.39 -23.05
C ILE A 271 -15.79 11.36 -23.95
N PRO A 272 -15.07 10.74 -24.90
CA PRO A 272 -15.79 9.72 -25.75
C PRO A 272 -16.51 8.65 -24.94
N HIS A 273 -15.98 8.32 -23.75
CA HIS A 273 -16.60 7.22 -22.99
C HIS A 273 -17.35 7.71 -21.74
N THR A 274 -17.81 8.97 -21.79
CA THR A 274 -18.53 9.53 -20.67
C THR A 274 -19.89 10.16 -20.99
N CYS A 275 -20.20 10.46 -22.25
CA CYS A 275 -21.48 11.15 -22.52
C CYS A 275 -22.61 10.11 -22.72
N GLY A 276 -22.23 8.85 -23.00
CA GLY A 276 -23.18 7.76 -23.38
C GLY A 276 -22.44 6.63 -24.00
N PRO A 277 -23.17 5.62 -24.50
CA PRO A 277 -22.61 4.36 -24.97
C PRO A 277 -21.85 4.39 -26.28
N ASP A 278 -22.06 5.43 -27.08
CA ASP A 278 -21.44 5.46 -28.44
C ASP A 278 -20.26 6.44 -28.53
N PRO A 279 -19.00 5.92 -28.40
CA PRO A 279 -17.90 6.90 -28.40
C PRO A 279 -17.76 7.66 -29.70
N LYS A 280 -18.28 7.12 -30.84
CA LYS A 280 -18.26 7.89 -32.09
C LYS A 280 -19.09 9.14 -32.01
N VAL A 281 -20.17 9.06 -31.24
CA VAL A 281 -20.96 10.25 -31.03
C VAL A 281 -20.33 11.11 -29.92
N CYS A 282 -19.90 10.52 -28.79
CA CYS A 282 -19.47 11.35 -27.62
C CYS A 282 -18.20 12.13 -28.03
N CYS A 283 -17.35 11.50 -28.87
CA CYS A 283 -16.15 12.21 -29.36
C CYS A 283 -16.44 13.56 -30.04
N GLN A 284 -17.61 13.67 -30.71
CA GLN A 284 -18.03 14.91 -31.33
C GLN A 284 -18.39 16.03 -30.34
N PHE A 285 -18.47 15.70 -29.03
CA PHE A 285 -18.74 16.68 -27.97
C PHE A 285 -17.54 16.90 -27.04
N ASP A 286 -16.40 16.44 -27.52
CA ASP A 286 -15.10 16.90 -26.99
C ASP A 286 -14.49 17.99 -27.87
N PHE A 287 -14.70 19.25 -27.49
CA PHE A 287 -14.41 20.35 -28.41
C PHE A 287 -12.95 20.69 -28.50
N LYS A 288 -12.11 19.98 -27.76
CA LYS A 288 -10.67 20.07 -27.99
C LYS A 288 -10.15 19.24 -29.19
N ARG A 289 -11.06 18.60 -29.97
CA ARG A 289 -10.67 17.61 -30.96
C ARG A 289 -10.99 18.06 -32.38
N MET A 290 -11.05 19.38 -32.61
CA MET A 290 -11.32 19.92 -33.95
C MET A 290 -10.06 20.16 -34.83
N GLY A 291 -8.86 20.21 -34.24
CA GLY A 291 -7.66 20.29 -35.08
C GLY A 291 -6.49 21.11 -34.52
N SER A 292 -6.81 22.31 -34.04
CA SER A 292 -5.82 23.25 -33.58
C SER A 292 -5.09 22.81 -32.30
N PHE A 293 -5.61 21.78 -31.59
CA PHE A 293 -4.91 21.23 -30.42
C PHE A 293 -4.17 19.92 -30.72
N GLY A 294 -4.14 19.52 -31.98
CA GLY A 294 -3.44 18.25 -32.37
C GLY A 294 -4.51 17.16 -32.45
N LEU A 295 -5.26 17.03 -31.34
CA LEU A 295 -6.14 15.89 -31.02
C LEU A 295 -7.24 15.76 -32.08
N SER A 296 -7.77 14.54 -32.20
CA SER A 296 -8.80 14.27 -33.20
C SER A 296 -9.63 13.11 -32.68
N CYS A 297 -10.66 12.71 -33.42
CA CYS A 297 -11.52 11.59 -33.04
C CYS A 297 -11.16 10.32 -33.86
N PRO A 298 -10.73 9.23 -33.20
CA PRO A 298 -10.32 8.07 -33.99
C PRO A 298 -11.50 7.36 -34.68
N TRP A 299 -12.75 7.70 -34.32
CA TRP A 299 -13.97 7.16 -34.97
C TRP A 299 -14.34 7.98 -36.22
N LYS A 300 -13.54 9.00 -36.54
CA LYS A 300 -13.54 9.64 -37.85
C LYS A 300 -14.53 10.78 -38.04
N VAL A 301 -15.31 11.14 -37.03
CA VAL A 301 -16.23 12.25 -37.16
C VAL A 301 -15.77 13.29 -36.16
N PRO A 302 -15.34 14.47 -36.65
CA PRO A 302 -14.83 15.41 -35.73
C PRO A 302 -15.96 16.18 -35.05
N PRO A 303 -15.63 16.83 -33.92
CA PRO A 303 -16.60 17.69 -33.31
C PRO A 303 -16.86 18.88 -34.31
N ARG A 304 -18.07 19.44 -34.29
CA ARG A 304 -18.33 20.74 -34.94
C ARG A 304 -18.76 21.80 -33.93
N THR A 305 -18.33 23.04 -34.16
CA THR A 305 -18.83 24.18 -33.39
C THR A 305 -20.36 24.23 -33.43
N ILE A 306 -20.91 24.45 -32.26
CA ILE A 306 -22.33 24.55 -32.10
C ILE A 306 -22.72 25.98 -32.59
N SER A 307 -23.72 26.05 -33.46
CA SER A 307 -24.25 27.38 -33.90
C SER A 307 -25.79 27.28 -33.91
N ASP A 308 -26.48 28.39 -34.15
CA ASP A 308 -27.95 28.34 -34.30
C ASP A 308 -28.35 27.38 -35.40
N GLN A 309 -27.55 27.26 -36.46
CA GLN A 309 -27.87 26.32 -37.58
C GLN A 309 -27.83 24.85 -37.28
N ASN A 310 -27.08 24.42 -36.27
CA ASN A 310 -26.96 23.00 -36.04
C ASN A 310 -27.30 22.65 -34.59
N VAL A 311 -27.57 23.64 -33.75
CA VAL A 311 -27.76 23.30 -32.33
C VAL A 311 -28.88 22.26 -32.15
N ALA A 312 -30.01 22.37 -32.87
CA ALA A 312 -31.08 21.38 -32.65
C ALA A 312 -30.67 19.94 -32.97
N ALA A 313 -29.97 19.74 -34.08
CA ALA A 313 -29.48 18.44 -34.50
C ALA A 313 -28.41 17.89 -33.52
N ARG A 314 -27.48 18.75 -33.14
CA ARG A 314 -26.40 18.35 -32.19
C ARG A 314 -27.04 17.96 -30.85
N SER A 315 -27.96 18.81 -30.41
CA SER A 315 -28.73 18.56 -29.13
C SER A 315 -29.49 17.24 -29.18
N ASP A 316 -30.15 16.97 -30.29
CA ASP A 316 -30.83 15.71 -30.40
C ASP A 316 -29.90 14.49 -30.26
N LEU A 317 -28.74 14.54 -30.89
CA LEU A 317 -27.72 13.50 -30.80
C LEU A 317 -27.20 13.30 -29.36
N LEU A 318 -26.87 14.43 -28.72
CA LEU A 318 -26.24 14.40 -27.37
C LEU A 318 -27.26 13.92 -26.33
N VAL A 319 -28.48 14.47 -26.39
CA VAL A 319 -29.49 14.01 -25.44
C VAL A 319 -29.78 12.54 -25.55
N ASP A 320 -29.77 12.02 -26.78
CA ASP A 320 -30.06 10.59 -26.99
C ASP A 320 -28.95 9.76 -26.28
N GLN A 321 -27.71 10.21 -26.39
CA GLN A 321 -26.62 9.57 -25.59
C GLN A 321 -26.90 9.63 -24.07
N TRP A 322 -27.36 10.78 -23.61
CA TRP A 322 -27.57 11.00 -22.15
C TRP A 322 -28.69 10.11 -21.69
N LYS A 323 -29.75 10.03 -22.50
CA LYS A 323 -30.89 9.16 -22.12
C LYS A 323 -30.55 7.69 -22.07
N LYS A 324 -29.68 7.24 -22.96
CA LYS A 324 -29.22 5.88 -22.93
C LYS A 324 -28.32 5.67 -21.68
N LYS A 325 -27.38 6.60 -21.42
CA LYS A 325 -26.57 6.41 -20.18
C LYS A 325 -27.56 6.39 -18.95
N ALA A 326 -28.56 7.26 -18.93
CA ALA A 326 -29.51 7.29 -17.77
C ALA A 326 -30.26 6.00 -17.57
N GLU A 327 -30.53 5.24 -18.64
CA GLU A 327 -31.16 3.89 -18.44
C GLU A 327 -30.41 2.90 -17.53
N LEU A 328 -29.10 3.14 -17.33
CA LEU A 328 -28.27 2.18 -16.56
C LEU A 328 -28.35 2.52 -15.08
N TYR A 329 -29.03 3.62 -14.71
CA TYR A 329 -29.08 4.10 -13.29
C TYR A 329 -30.52 4.29 -12.86
N ARG A 330 -30.71 4.36 -11.53
CA ARG A 330 -32.05 4.36 -10.95
C ARG A 330 -32.75 5.67 -10.68
N THR A 331 -32.03 6.78 -10.66
CA THR A 331 -32.70 8.10 -10.44
C THR A 331 -32.79 8.91 -11.71
N ASN A 332 -33.47 10.07 -11.63
CA ASN A 332 -33.52 10.99 -12.78
C ASN A 332 -32.41 12.04 -12.73
N VAL A 333 -31.28 11.68 -12.09
CA VAL A 333 -30.18 12.62 -11.93
C VAL A 333 -28.97 11.92 -12.64
N LEU A 334 -28.34 12.58 -13.62
CA LEU A 334 -27.35 11.90 -14.45
C LEU A 334 -25.97 12.56 -14.33
N LEU A 335 -24.91 11.77 -14.13
CA LEU A 335 -23.58 12.35 -13.96
C LEU A 335 -22.87 12.26 -15.37
N ILE A 336 -22.38 13.38 -15.89
CA ILE A 336 -21.62 13.37 -17.16
C ILE A 336 -20.25 14.05 -16.93
N PRO A 337 -19.23 13.27 -16.56
CA PRO A 337 -17.91 13.87 -16.43
C PRO A 337 -17.48 14.49 -17.77
N LEU A 338 -16.72 15.59 -17.74
CA LEU A 338 -16.21 16.17 -18.98
C LEU A 338 -14.74 16.48 -18.84
N GLY A 339 -13.87 15.54 -19.24
CA GLY A 339 -12.45 15.78 -18.98
C GLY A 339 -11.61 14.60 -19.42
N ASP A 340 -10.28 14.74 -19.23
CA ASP A 340 -9.36 13.79 -19.74
C ASP A 340 -8.00 14.13 -19.08
N ASP A 341 -6.94 13.42 -19.47
CA ASP A 341 -5.60 13.73 -18.91
C ASP A 341 -5.07 15.12 -19.15
N PHE A 342 -4.69 15.82 -18.07
CA PHE A 342 -4.08 17.14 -18.17
C PHE A 342 -4.92 18.09 -19.09
N ARG A 343 -6.22 17.94 -19.00
CA ARG A 343 -7.13 18.87 -19.69
C ARG A 343 -7.29 20.20 -18.99
N PHE A 344 -7.92 21.12 -19.73
CA PHE A 344 -8.20 22.49 -19.30
C PHE A 344 -6.90 23.26 -19.06
N LYS A 345 -5.93 23.03 -19.92
CA LYS A 345 -4.63 23.70 -19.91
C LYS A 345 -4.67 25.09 -20.64
N GLN A 346 -5.07 25.09 -21.92
CA GLN A 346 -5.04 26.35 -22.74
C GLN A 346 -6.30 27.21 -22.46
N ASN A 347 -6.13 28.53 -22.32
CA ASN A 347 -7.28 29.42 -22.33
C ASN A 347 -8.27 29.17 -23.47
N THR A 348 -7.74 28.96 -24.66
CA THR A 348 -8.61 28.64 -25.79
C THR A 348 -9.43 27.34 -25.58
N GLU A 349 -8.88 26.38 -24.81
CA GLU A 349 -9.58 25.12 -24.55
C GLU A 349 -10.73 25.34 -23.56
N TRP A 350 -10.52 26.17 -22.53
CA TRP A 350 -11.59 26.57 -21.64
C TRP A 350 -12.74 27.20 -22.44
N ASP A 351 -12.42 28.11 -23.34
CA ASP A 351 -13.47 28.80 -24.12
C ASP A 351 -14.23 27.82 -25.01
N VAL A 352 -13.50 26.98 -25.73
CA VAL A 352 -14.13 26.10 -26.75
C VAL A 352 -15.03 25.04 -26.08
N GLN A 353 -14.61 24.51 -24.94
CA GLN A 353 -15.51 23.61 -24.15
C GLN A 353 -16.70 24.42 -23.61
N ARG A 354 -16.42 25.55 -22.99
CA ARG A 354 -17.44 26.20 -22.20
C ARG A 354 -18.49 26.73 -23.16
N VAL A 355 -18.03 27.42 -24.22
CA VAL A 355 -19.02 28.16 -25.08
C VAL A 355 -19.94 27.16 -25.77
N ASN A 356 -19.36 26.07 -26.25
CA ASN A 356 -20.15 25.09 -27.00
C ASN A 356 -21.17 24.41 -26.11
N TYR A 357 -20.72 24.05 -24.89
CA TYR A 357 -21.73 23.49 -23.99
C TYR A 357 -22.83 24.46 -23.54
N GLU A 358 -22.45 25.71 -23.29
CA GLU A 358 -23.41 26.71 -22.97
C GLU A 358 -24.48 26.80 -24.06
N ARG A 359 -24.05 26.78 -25.33
CA ARG A 359 -25.09 26.80 -26.44
C ARG A 359 -25.99 25.59 -26.42
N LEU A 360 -25.41 24.42 -26.20
CA LEU A 360 -26.22 23.17 -26.01
C LEU A 360 -27.22 23.33 -24.86
N PHE A 361 -26.74 23.80 -23.71
CA PHE A 361 -27.60 23.89 -22.55
C PHE A 361 -28.76 24.82 -22.85
N GLU A 362 -28.40 26.00 -23.39
CA GLU A 362 -29.44 26.95 -23.67
C GLU A 362 -30.55 26.31 -24.56
N HIS A 363 -30.15 25.64 -25.66
CA HIS A 363 -31.17 25.06 -26.56
C HIS A 363 -31.95 23.95 -25.81
N ILE A 364 -31.23 22.96 -25.26
CA ILE A 364 -31.88 21.82 -24.56
C ILE A 364 -32.81 22.20 -23.47
N ASN A 365 -32.36 23.13 -22.62
CA ASN A 365 -33.18 23.45 -21.45
C ASN A 365 -34.47 24.21 -21.85
N SER A 366 -34.39 24.93 -22.97
N SER A 366 -34.40 24.99 -22.93
CA SER A 366 -35.50 25.74 -23.51
CA SER A 366 -35.59 25.71 -23.39
C SER A 366 -36.46 24.97 -24.44
C SER A 366 -36.60 24.81 -24.15
N GLN A 367 -36.13 23.74 -24.78
CA GLN A 367 -37.02 22.84 -25.56
C GLN A 367 -37.65 21.75 -24.73
N ALA A 368 -38.95 21.94 -24.45
CA ALA A 368 -39.62 21.11 -23.48
C ALA A 368 -39.68 19.70 -23.96
N HIS A 369 -39.71 19.47 -25.28
CA HIS A 369 -39.84 18.11 -25.74
C HIS A 369 -38.70 17.19 -25.29
N PHE A 370 -37.53 17.76 -24.96
CA PHE A 370 -36.44 16.91 -24.43
C PHE A 370 -36.67 16.48 -23.01
N ASN A 371 -37.38 17.30 -22.23
CA ASN A 371 -37.60 17.08 -20.80
C ASN A 371 -36.29 16.79 -20.05
N VAL A 372 -35.32 17.70 -20.31
CA VAL A 372 -33.98 17.69 -19.69
C VAL A 372 -33.65 19.07 -19.20
N GLN A 373 -33.02 19.11 -18.02
CA GLN A 373 -32.46 20.33 -17.55
C GLN A 373 -30.94 20.03 -17.30
N ALA A 374 -30.06 20.66 -18.07
CA ALA A 374 -28.65 20.30 -18.06
C ALA A 374 -27.85 21.50 -17.62
N GLN A 375 -26.78 21.26 -16.84
CA GLN A 375 -25.94 22.41 -16.38
C GLN A 375 -24.57 21.88 -16.01
N PHE A 376 -23.58 22.76 -15.97
CA PHE A 376 -22.28 22.37 -15.32
C PHE A 376 -22.57 22.12 -13.86
N GLY A 377 -21.89 21.12 -13.31
CA GLY A 377 -22.13 20.80 -11.93
C GLY A 377 -20.82 20.34 -11.35
N THR A 378 -20.84 20.15 -10.04
CA THR A 378 -19.73 19.46 -9.34
C THR A 378 -20.16 18.04 -8.87
N LEU A 379 -19.18 17.27 -8.44
CA LEU A 379 -19.45 15.90 -7.94
C LEU A 379 -20.40 15.87 -6.77
N GLN A 380 -20.18 16.77 -5.80
N GLN A 380 -20.20 16.78 -5.81
CA GLN A 380 -21.06 16.77 -4.65
CA GLN A 380 -21.09 16.76 -4.64
C GLN A 380 -22.49 17.11 -5.11
C GLN A 380 -22.52 17.24 -5.00
N GLU A 381 -22.62 18.06 -6.03
CA GLU A 381 -23.94 18.52 -6.50
C GLU A 381 -24.69 17.32 -7.06
N TYR A 382 -23.95 16.49 -7.83
CA TYR A 382 -24.53 15.29 -8.35
C TYR A 382 -24.99 14.38 -7.21
N PHE A 383 -24.09 13.99 -6.31
CA PHE A 383 -24.55 13.09 -5.20
C PHE A 383 -25.72 13.69 -4.36
N ASP A 384 -25.69 14.99 -4.07
CA ASP A 384 -26.75 15.62 -3.27
C ASP A 384 -28.09 15.41 -3.96
N ALA A 385 -28.09 15.58 -5.29
CA ALA A 385 -29.34 15.49 -6.04
C ALA A 385 -29.82 14.03 -6.10
N VAL A 386 -28.90 13.10 -6.28
CA VAL A 386 -29.25 11.67 -6.18
C VAL A 386 -29.90 11.31 -4.84
N HIS A 387 -29.34 11.78 -3.73
CA HIS A 387 -29.90 11.39 -2.46
C HIS A 387 -31.27 12.11 -2.17
N GLN A 388 -31.46 13.29 -2.76
CA GLN A 388 -32.73 14.02 -2.69
C GLN A 388 -33.76 13.16 -3.41
N ALA A 389 -33.41 12.66 -4.59
CA ALA A 389 -34.21 11.68 -5.34
C ALA A 389 -34.52 10.37 -4.56
N GLU A 390 -33.52 9.82 -3.88
CA GLU A 390 -33.66 8.66 -3.01
C GLU A 390 -34.66 8.93 -1.87
N ARG A 391 -34.49 10.09 -1.22
CA ARG A 391 -35.28 10.48 -0.07
C ARG A 391 -36.72 10.75 -0.50
N ALA A 392 -36.92 11.07 -1.79
CA ALA A 392 -38.23 11.31 -2.37
C ALA A 392 -38.91 10.02 -2.78
N GLY A 393 -38.21 8.89 -2.61
CA GLY A 393 -38.81 7.58 -2.81
C GLY A 393 -38.64 7.10 -4.21
N GLN A 394 -37.79 7.77 -5.00
CA GLN A 394 -37.72 7.40 -6.39
C GLN A 394 -36.74 6.24 -6.69
N ALA A 395 -35.93 5.86 -5.72
CA ALA A 395 -35.02 4.73 -5.91
C ALA A 395 -34.59 4.13 -4.58
N GLU A 396 -34.32 2.83 -4.57
CA GLU A 396 -33.55 2.30 -3.42
C GLU A 396 -32.37 1.61 -4.00
N PHE A 397 -31.29 1.56 -3.24
CA PHE A 397 -30.07 1.09 -3.81
C PHE A 397 -29.71 -0.28 -3.29
N PRO A 398 -28.99 -1.08 -4.12
CA PRO A 398 -28.52 -2.38 -3.66
C PRO A 398 -27.32 -2.23 -2.73
N THR A 399 -27.15 -3.26 -1.92
CA THR A 399 -25.99 -3.36 -1.03
C THR A 399 -24.96 -4.25 -1.74
N LEU A 400 -23.68 -4.01 -1.48
CA LEU A 400 -22.63 -4.80 -2.17
C LEU A 400 -21.46 -4.99 -1.19
N SER A 401 -20.81 -6.14 -1.27
CA SER A 401 -19.44 -6.29 -0.65
C SER A 401 -18.54 -7.02 -1.62
N GLY A 402 -17.25 -6.86 -1.36
CA GLY A 402 -16.25 -7.47 -2.19
C GLY A 402 -15.31 -6.41 -2.76
N ASP A 403 -14.49 -6.83 -3.73
CA ASP A 403 -13.52 -5.92 -4.32
C ASP A 403 -13.66 -5.95 -5.83
N PHE A 404 -12.79 -5.20 -6.49
CA PHE A 404 -12.78 -5.11 -7.97
C PHE A 404 -11.40 -5.33 -8.48
N PHE A 405 -10.81 -6.47 -8.05
CA PHE A 405 -9.58 -6.99 -8.64
C PHE A 405 -9.92 -8.35 -9.20
N THR A 406 -9.24 -8.82 -10.24
CA THR A 406 -8.24 -8.07 -10.99
C THR A 406 -8.88 -7.42 -12.23
N TYR A 407 -8.51 -6.19 -12.50
CA TYR A 407 -9.16 -5.43 -13.54
C TYR A 407 -8.66 -5.95 -14.92
N ALA A 408 -9.59 -6.02 -15.88
CA ALA A 408 -9.24 -6.06 -17.31
C ALA A 408 -10.00 -4.94 -18.02
N ASP A 409 -9.30 -4.24 -18.91
CA ASP A 409 -9.95 -3.15 -19.69
C ASP A 409 -10.55 -3.66 -21.00
N ARG A 410 -10.00 -4.78 -21.52
CA ARG A 410 -10.48 -5.36 -22.81
C ARG A 410 -9.94 -6.77 -22.95
N SER A 411 -10.62 -7.61 -23.76
N SER A 411 -10.70 -7.64 -23.62
CA SER A 411 -10.19 -9.01 -24.02
CA SER A 411 -10.19 -8.96 -24.00
C SER A 411 -9.58 -9.71 -22.81
C SER A 411 -9.59 -9.71 -22.80
N ASP A 412 -8.34 -10.22 -22.94
CA ASP A 412 -7.74 -10.95 -21.87
C ASP A 412 -6.64 -10.10 -21.23
N ASN A 413 -6.71 -8.78 -21.42
CA ASN A 413 -5.70 -7.82 -20.93
C ASN A 413 -5.94 -7.53 -19.41
N TYR A 414 -5.43 -8.40 -18.56
CA TYR A 414 -5.59 -8.33 -17.06
C TYR A 414 -4.40 -7.55 -16.51
N TRP A 415 -4.69 -6.57 -15.65
CA TRP A 415 -3.67 -5.65 -15.19
C TRP A 415 -3.08 -6.15 -13.88
N SER A 416 -2.52 -7.37 -13.93
CA SER A 416 -1.92 -8.00 -12.76
C SER A 416 -0.36 -7.81 -12.76
N GLY A 417 0.17 -7.24 -13.80
CA GLY A 417 1.63 -7.02 -13.93
C GLY A 417 2.09 -6.01 -12.88
N TYR A 418 1.27 -5.00 -12.66
CA TYR A 418 1.71 -3.89 -11.77
C TYR A 418 1.62 -4.26 -10.28
N TYR A 419 1.16 -5.48 -9.95
CA TYR A 419 1.25 -5.95 -8.58
C TYR A 419 2.72 -6.28 -8.26
N THR A 420 3.58 -6.27 -9.28
CA THR A 420 5.01 -6.65 -9.06
C THR A 420 6.00 -5.65 -9.67
N SER A 421 5.62 -4.92 -10.72
CA SER A 421 6.52 -3.98 -11.43
C SER A 421 7.32 -3.10 -10.48
N ARG A 422 8.63 -2.94 -10.77
CA ARG A 422 9.54 -2.08 -9.98
C ARG A 422 9.46 -2.53 -8.50
N PRO A 423 9.81 -3.82 -8.22
CA PRO A 423 9.66 -4.28 -6.84
C PRO A 423 10.66 -3.69 -5.84
N TYR A 424 11.73 -3.10 -6.32
CA TYR A 424 12.68 -2.47 -5.36
C TYR A 424 11.92 -1.36 -4.64
N HIS A 425 11.14 -0.60 -5.40
CA HIS A 425 10.44 0.63 -4.83
C HIS A 425 9.20 0.22 -4.07
N LYS A 426 8.58 -0.90 -4.47
CA LYS A 426 7.51 -1.56 -3.67
C LYS A 426 8.01 -1.93 -2.25
N ARG A 427 9.23 -2.46 -2.17
CA ARG A 427 9.77 -2.82 -0.87
C ARG A 427 10.14 -1.51 -0.17
N MET A 428 10.72 -0.56 -0.90
CA MET A 428 11.14 0.72 -0.26
C MET A 428 9.90 1.41 0.36
N ASP A 429 8.74 1.30 -0.30
CA ASP A 429 7.47 1.84 0.27
C ASP A 429 7.19 1.35 1.70
N ARG A 430 7.41 0.07 1.92
CA ARG A 430 7.13 -0.48 3.21
C ARG A 430 8.13 -0.12 4.31
N VAL A 431 9.40 -0.02 3.87
CA VAL A 431 10.48 0.50 4.73
C VAL A 431 10.18 2.00 5.16
N LEU A 432 9.92 2.82 4.16
CA LEU A 432 9.62 4.21 4.48
C LEU A 432 8.33 4.33 5.30
N MET A 433 7.31 3.47 5.05
CA MET A 433 6.06 3.52 5.84
C MET A 433 6.40 3.42 7.36
N HIS A 434 7.31 2.47 7.67
CA HIS A 434 7.62 2.19 9.05
C HIS A 434 8.50 3.31 9.63
N TYR A 435 9.45 3.85 8.85
CA TYR A 435 10.33 4.88 9.40
C TYR A 435 9.52 6.20 9.62
N VAL A 436 8.50 6.45 8.78
CA VAL A 436 7.57 7.58 9.00
C VAL A 436 6.90 7.39 10.35
N ARG A 437 6.31 6.21 10.54
CA ARG A 437 5.59 5.96 11.79
C ARG A 437 6.52 6.13 12.97
N ALA A 438 7.71 5.54 12.89
CA ALA A 438 8.64 5.56 14.05
C ALA A 438 9.13 6.98 14.31
N ALA A 439 9.45 7.73 13.22
CA ALA A 439 9.92 9.08 13.43
C ALA A 439 8.79 9.95 14.07
N GLU A 440 7.54 9.84 13.60
CA GLU A 440 6.42 10.66 14.16
C GLU A 440 6.15 10.24 15.60
N MET A 441 6.28 8.95 15.89
CA MET A 441 5.94 8.47 17.22
C MET A 441 7.07 8.90 18.20
N LEU A 442 8.33 8.65 17.86
CA LEU A 442 9.41 9.00 18.77
C LEU A 442 9.48 10.47 19.14
N SER A 443 9.21 11.32 18.16
CA SER A 443 9.34 12.75 18.31
C SER A 443 8.09 13.32 18.92
N ALA A 444 6.98 12.53 18.97
CA ALA A 444 5.66 12.97 19.53
C ALA A 444 5.70 13.15 21.03
N TRP A 445 6.58 12.41 21.72
CA TRP A 445 6.59 12.44 23.18
C TRP A 445 6.96 13.81 23.73
N HIS A 446 7.70 14.63 22.99
CA HIS A 446 7.97 16.02 23.41
C HIS A 446 7.48 17.11 22.46
N SER A 447 7.40 18.35 22.96
CA SER A 447 7.39 19.53 22.05
C SER A 447 8.80 19.87 21.69
N TRP A 448 9.04 20.24 20.45
CA TRP A 448 10.37 20.60 20.04
C TRP A 448 10.45 22.08 19.66
N ASP A 449 11.54 22.71 20.10
CA ASP A 449 11.94 23.99 19.56
C ASP A 449 11.98 24.04 18.04
N GLY A 450 11.55 25.18 17.50
CA GLY A 450 11.51 25.43 16.08
C GLY A 450 12.87 25.18 15.46
N MET A 451 13.94 25.47 16.21
CA MET A 451 15.28 25.31 15.66
C MET A 451 15.65 23.88 15.43
N ALA A 452 14.93 22.93 16.05
CA ALA A 452 15.23 21.50 15.83
C ALA A 452 14.77 21.05 14.39
N ARG A 453 13.82 21.79 13.81
CA ARG A 453 13.29 21.50 12.47
C ARG A 453 12.65 20.09 12.33
N ILE A 454 12.05 19.65 13.40
CA ILE A 454 11.39 18.32 13.47
C ILE A 454 10.17 18.37 12.54
N GLU A 455 9.38 19.42 12.68
CA GLU A 455 8.15 19.55 11.85
C GLU A 455 8.50 19.60 10.38
N GLU A 456 9.52 20.38 10.03
CA GLU A 456 10.01 20.45 8.67
CA GLU A 456 9.94 20.44 8.63
C GLU A 456 10.33 19.07 8.09
N ARG A 457 11.21 18.35 8.82
CA ARG A 457 11.63 17.03 8.34
C ARG A 457 10.47 16.04 8.26
N LEU A 458 9.60 16.03 9.24
CA LEU A 458 8.47 15.05 9.18
C LEU A 458 7.48 15.40 8.07
N GLU A 459 7.29 16.70 7.82
CA GLU A 459 6.36 17.10 6.71
C GLU A 459 6.95 16.64 5.35
N GLN A 460 8.26 16.81 5.19
CA GLN A 460 8.90 16.33 3.93
C GLN A 460 8.76 14.82 3.78
N ALA A 461 9.06 14.07 4.88
CA ALA A 461 8.91 12.57 4.87
C ALA A 461 7.46 12.11 4.55
N ARG A 462 6.45 12.71 5.23
CA ARG A 462 5.06 12.35 4.96
C ARG A 462 4.74 12.63 3.49
N ARG A 463 5.20 13.76 2.94
CA ARG A 463 4.79 14.23 1.60
C ARG A 463 5.50 13.39 0.55
N GLU A 464 6.75 12.97 0.77
CA GLU A 464 7.41 12.14 -0.27
C GLU A 464 6.79 10.73 -0.26
N LEU A 465 6.48 10.21 0.91
CA LEU A 465 5.79 8.90 1.01
C LEU A 465 4.35 8.96 0.43
N SER A 466 3.62 10.03 0.78
CA SER A 466 2.29 10.27 0.23
C SER A 466 2.35 10.34 -1.29
N LEU A 467 3.31 11.11 -1.84
CA LEU A 467 3.42 11.19 -3.29
C LEU A 467 3.56 9.80 -3.91
N PHE A 468 4.37 8.95 -3.25
CA PHE A 468 4.63 7.61 -3.83
C PHE A 468 3.40 6.69 -3.86
N GLN A 469 2.37 7.01 -3.08
CA GLN A 469 1.16 6.23 -3.13
C GLN A 469 0.36 6.46 -4.44
N HIS A 470 0.78 7.46 -5.26
CA HIS A 470 0.14 7.71 -6.52
C HIS A 470 0.06 6.36 -7.33
N HIS A 471 -0.99 6.19 -8.15
CA HIS A 471 -1.18 4.96 -8.92
C HIS A 471 -0.19 4.89 -10.12
N ASP A 472 0.80 5.81 -10.26
CA ASP A 472 2.02 5.54 -11.09
C ASP A 472 3.33 5.45 -10.29
N GLY A 473 3.20 5.49 -8.97
CA GLY A 473 4.34 5.51 -8.07
C GLY A 473 4.63 4.08 -7.66
N ILE A 474 3.98 3.67 -6.56
CA ILE A 474 4.10 2.34 -5.99
C ILE A 474 3.77 1.24 -6.99
N THR A 475 2.89 1.58 -7.92
CA THR A 475 2.49 0.58 -8.97
C THR A 475 3.65 0.14 -9.92
N GLY A 476 4.71 0.89 -9.94
CA GLY A 476 5.79 0.71 -10.90
C GLY A 476 5.38 0.90 -12.38
N THR A 477 4.51 1.84 -12.65
CA THR A 477 4.04 2.12 -14.03
C THR A 477 4.49 3.49 -14.58
N ALA A 478 5.51 4.15 -13.97
CA ALA A 478 6.05 5.44 -14.53
C ALA A 478 7.27 5.17 -15.48
N LYS A 479 7.67 6.20 -16.21
CA LYS A 479 8.90 6.06 -17.01
C LYS A 479 10.12 5.93 -16.09
N THR A 480 11.17 5.41 -16.68
CA THR A 480 12.44 5.17 -15.97
C THR A 480 12.91 6.35 -15.13
N HIS A 481 12.96 7.55 -15.72
CA HIS A 481 13.53 8.69 -14.99
C HIS A 481 12.57 9.15 -13.89
N VAL A 482 11.27 8.88 -14.06
CA VAL A 482 10.30 9.27 -13.06
C VAL A 482 10.46 8.32 -11.85
N VAL A 483 10.66 7.02 -12.10
CA VAL A 483 10.90 6.06 -10.99
C VAL A 483 12.15 6.53 -10.26
N VAL A 484 13.15 7.00 -10.99
CA VAL A 484 14.37 7.51 -10.30
C VAL A 484 14.05 8.70 -9.39
N ASP A 485 13.18 9.59 -9.86
CA ASP A 485 12.72 10.76 -9.08
C ASP A 485 12.03 10.32 -7.83
N TYR A 486 11.14 9.33 -7.92
CA TYR A 486 10.45 8.87 -6.72
C TYR A 486 11.44 8.23 -5.75
N GLU A 487 12.36 7.42 -6.27
CA GLU A 487 13.39 6.83 -5.40
C GLU A 487 14.24 7.86 -4.67
N GLN A 488 14.75 8.87 -5.40
CA GLN A 488 15.53 9.91 -4.72
C GLN A 488 14.72 10.63 -3.66
N ARG A 489 13.45 10.91 -3.96
CA ARG A 489 12.58 11.55 -2.99
C ARG A 489 12.41 10.71 -1.72
N MET A 490 12.18 9.39 -1.89
CA MET A 490 12.05 8.47 -0.71
C MET A 490 13.40 8.32 0.05
N GLN A 491 14.52 8.42 -0.64
CA GLN A 491 15.82 8.38 0.07
C GLN A 491 16.00 9.62 1.01
N GLU A 492 15.64 10.79 0.51
CA GLU A 492 15.63 12.05 1.26
C GLU A 492 14.64 11.88 2.42
N ALA A 493 13.48 11.27 2.16
CA ALA A 493 12.49 11.06 3.29
C ALA A 493 13.06 10.14 4.38
N LEU A 494 13.75 9.05 3.97
CA LEU A 494 14.39 8.13 4.95
C LEU A 494 15.42 8.90 5.80
N LYS A 495 16.21 9.76 5.16
CA LYS A 495 17.24 10.57 5.84
C LYS A 495 16.55 11.52 6.83
N ALA A 496 15.40 12.10 6.44
CA ALA A 496 14.70 13.00 7.32
C ALA A 496 14.21 12.20 8.55
N CYS A 497 13.64 11.01 8.33
CA CYS A 497 13.13 10.18 9.43
C CYS A 497 14.32 9.77 10.37
N GLN A 498 15.44 9.37 9.78
CA GLN A 498 16.64 9.05 10.60
C GLN A 498 17.03 10.22 11.49
N MET A 499 17.04 11.42 10.92
CA MET A 499 17.51 12.62 11.67
C MET A 499 16.56 12.81 12.88
N VAL A 500 15.26 12.73 12.63
CA VAL A 500 14.30 12.90 13.68
C VAL A 500 14.35 11.78 14.73
N MET A 501 14.43 10.55 14.28
CA MET A 501 14.48 9.39 15.22
C MET A 501 15.71 9.55 16.14
N GLN A 502 16.86 9.83 15.56
CA GLN A 502 18.09 9.76 16.42
C GLN A 502 18.14 10.97 17.39
N GLN A 503 17.68 12.16 16.95
CA GLN A 503 17.55 13.31 17.92
C GLN A 503 16.60 12.93 19.05
N SER A 504 15.49 12.28 18.69
CA SER A 504 14.50 11.87 19.67
C SER A 504 15.01 10.85 20.71
N VAL A 505 15.75 9.85 20.24
CA VAL A 505 16.31 8.81 21.13
C VAL A 505 17.28 9.53 22.11
N TYR A 506 18.13 10.40 21.55
CA TYR A 506 19.06 11.15 22.42
C TYR A 506 18.34 11.86 23.58
N ARG A 507 17.24 12.52 23.28
CA ARG A 507 16.46 13.22 24.28
C ARG A 507 15.78 12.26 25.22
N LEU A 508 15.26 11.17 24.70
CA LEU A 508 14.43 10.33 25.55
C LEU A 508 15.31 9.54 26.55
N LEU A 509 16.61 9.44 26.23
CA LEU A 509 17.47 8.51 26.97
C LEU A 509 18.62 9.20 27.69
N THR A 510 18.51 10.52 27.83
CA THR A 510 19.61 11.29 28.45
C THR A 510 19.02 12.05 29.66
N LYS A 511 19.70 11.95 30.82
CA LYS A 511 19.13 12.60 32.03
C LYS A 511 18.79 14.09 31.77
N PRO A 512 17.56 14.53 32.16
CA PRO A 512 17.12 15.86 31.68
C PRO A 512 18.06 17.01 31.98
N SER A 513 18.70 17.01 33.14
CA SER A 513 19.64 18.11 33.48
C SER A 513 20.98 17.99 32.77
N ILE A 514 21.20 16.92 32.03
CA ILE A 514 22.52 16.72 31.32
C ILE A 514 22.38 16.91 29.74
N TYR A 515 21.16 16.70 29.27
CA TYR A 515 20.78 16.79 27.81
C TYR A 515 21.21 18.12 27.18
N SER A 516 22.15 18.08 26.25
CA SER A 516 22.62 19.32 25.59
C SER A 516 22.70 19.20 24.03
N PRO A 517 21.53 19.25 23.33
CA PRO A 517 21.49 18.93 21.90
C PRO A 517 22.02 19.97 20.99
N ASP A 518 22.79 19.55 20.02
CA ASP A 518 23.05 20.30 18.82
C ASP A 518 22.10 19.60 17.81
N PHE A 519 21.17 20.36 17.20
CA PHE A 519 20.13 19.75 16.38
C PHE A 519 20.61 19.34 15.02
N SER A 520 21.87 19.64 14.70
CA SER A 520 22.37 19.19 13.41
C SER A 520 23.32 18.01 13.59
N PHE A 521 23.49 17.52 14.79
CA PHE A 521 24.53 16.51 15.02
C PHE A 521 23.94 15.09 15.03
N SER A 522 24.77 14.10 14.67
CA SER A 522 24.40 12.67 14.71
C SER A 522 24.85 12.03 15.99
N TYR A 523 23.90 11.88 16.91
CA TYR A 523 24.10 11.16 18.18
C TYR A 523 24.04 9.65 17.95
N PHE A 524 23.19 9.23 17.02
CA PHE A 524 23.08 7.77 16.71
C PHE A 524 23.03 7.60 15.21
N THR A 525 23.52 6.48 14.71
CA THR A 525 23.15 6.09 13.36
C THR A 525 22.26 4.86 13.43
N LEU A 526 21.31 4.81 12.52
CA LEU A 526 20.41 3.71 12.41
C LEU A 526 21.16 2.50 11.83
N ASP A 527 20.81 1.31 12.27
CA ASP A 527 21.38 0.15 11.63
C ASP A 527 20.17 -0.69 11.16
N ASP A 528 20.10 -0.97 9.88
CA ASP A 528 18.94 -1.71 9.32
C ASP A 528 19.49 -2.92 8.55
N SER A 529 19.16 -4.10 9.03
CA SER A 529 19.66 -5.38 8.47
C SER A 529 18.97 -5.74 7.16
N ARG A 530 17.85 -5.07 6.85
CA ARG A 530 17.02 -5.54 5.73
C ARG A 530 16.65 -4.50 4.70
N TRP A 531 17.26 -3.32 4.82
CA TRP A 531 17.17 -2.33 3.75
C TRP A 531 18.39 -1.44 3.76
N PRO A 532 18.99 -1.25 2.59
CA PRO A 532 18.72 -1.84 1.27
C PRO A 532 18.92 -3.37 1.23
N GLY A 533 19.62 -3.89 2.25
CA GLY A 533 19.77 -5.31 2.47
C GLY A 533 21.12 -5.74 1.99
N SER A 534 21.56 -6.90 2.53
CA SER A 534 22.85 -7.52 2.23
C SER A 534 22.92 -7.87 0.73
N GLY A 535 23.95 -7.36 0.03
CA GLY A 535 24.11 -7.66 -1.40
C GLY A 535 23.29 -6.70 -2.28
N VAL A 536 22.59 -5.78 -1.62
CA VAL A 536 21.99 -4.66 -2.34
C VAL A 536 22.90 -3.42 -2.21
N GLU A 537 23.16 -2.97 -0.97
CA GLU A 537 24.08 -1.87 -0.70
C GLU A 537 24.95 -2.24 0.55
N ASP A 538 26.28 -2.05 0.50
CA ASP A 538 27.09 -2.20 1.76
C ASP A 538 26.98 -0.95 2.65
N SER A 539 25.87 -0.81 3.35
CA SER A 539 25.52 0.47 3.94
C SER A 539 25.65 0.53 5.46
N ARG A 540 25.75 -0.66 6.07
CA ARG A 540 25.74 -0.80 7.53
C ARG A 540 27.11 -0.47 8.11
N THR A 541 27.12 0.16 9.28
CA THR A 541 28.40 0.59 9.89
C THR A 541 28.84 -0.53 10.82
N THR A 542 30.14 -0.82 10.82
CA THR A 542 30.69 -1.81 11.78
C THR A 542 30.94 -1.08 13.07
N ILE A 543 30.52 -1.69 14.18
CA ILE A 543 30.87 -1.17 15.52
C ILE A 543 32.34 -1.53 15.76
N ILE A 544 33.23 -0.52 15.90
CA ILE A 544 34.68 -0.79 15.99
C ILE A 544 35.04 -0.75 17.46
N LEU A 545 35.60 -1.86 17.97
CA LEU A 545 35.94 -1.98 19.40
C LEU A 545 37.35 -2.54 19.44
N GLY A 546 38.05 -2.27 20.53
CA GLY A 546 39.34 -2.94 20.67
C GLY A 546 39.85 -2.64 22.04
N GLU A 547 40.66 -3.57 22.53
CA GLU A 547 41.21 -3.45 23.91
C GLU A 547 42.11 -2.22 24.05
N ASP A 548 42.73 -1.80 22.92
CA ASP A 548 43.62 -0.62 22.94
C ASP A 548 42.98 0.73 22.61
N ILE A 549 41.66 0.71 22.34
CA ILE A 549 40.96 1.85 21.76
C ILE A 549 39.61 2.24 22.39
N LEU A 550 38.66 1.31 22.44
CA LEU A 550 37.28 1.59 22.88
C LEU A 550 36.70 0.25 23.28
N PRO A 551 36.58 0.01 24.58
CA PRO A 551 36.10 -1.31 24.95
C PRO A 551 34.61 -1.64 24.66
N SER A 552 33.76 -0.62 24.68
N SER A 552 33.77 -0.61 24.64
CA SER A 552 32.33 -0.88 24.61
CA SER A 552 32.31 -0.85 24.73
C SER A 552 31.59 0.08 23.71
C SER A 552 31.48 0.19 24.01
N LYS A 553 30.32 -0.24 23.48
CA LYS A 553 29.45 0.60 22.68
C LYS A 553 28.00 0.45 23.10
N HIS A 554 27.27 1.56 23.27
CA HIS A 554 25.82 1.53 23.54
C HIS A 554 25.07 1.35 22.21
N VAL A 555 24.09 0.45 22.19
CA VAL A 555 23.11 0.36 21.11
C VAL A 555 21.74 0.50 21.79
N VAL A 556 20.78 1.07 21.04
CA VAL A 556 19.44 1.29 21.54
C VAL A 556 18.43 0.70 20.55
N MET A 557 17.43 -0.01 21.08
CA MET A 557 16.32 -0.53 20.24
C MET A 557 15.01 0.22 20.55
N HIS A 558 14.22 0.50 19.52
CA HIS A 558 12.92 1.18 19.69
C HIS A 558 11.87 0.17 19.28
N ASN A 559 10.74 0.09 20.03
CA ASN A 559 9.64 -0.76 19.65
C ASN A 559 8.37 0.07 19.38
N THR A 560 7.99 0.27 18.12
CA THR A 560 6.85 1.14 17.84
C THR A 560 5.48 0.55 18.28
N LEU A 561 5.42 -0.78 18.44
CA LEU A 561 4.18 -1.51 18.76
C LEU A 561 3.81 -1.30 20.25
N PRO A 562 2.50 -1.21 20.59
CA PRO A 562 2.06 -1.01 21.99
C PRO A 562 1.97 -2.28 22.87
N HIS A 563 2.97 -3.15 22.77
CA HIS A 563 3.08 -4.26 23.69
C HIS A 563 4.57 -4.56 23.86
N TRP A 564 4.92 -5.10 25.04
CA TRP A 564 6.29 -5.65 25.23
C TRP A 564 6.72 -6.53 24.07
N ARG A 565 7.93 -6.33 23.53
CA ARG A 565 8.33 -7.13 22.43
C ARG A 565 9.73 -7.64 22.64
N GLU A 566 9.92 -8.93 22.40
CA GLU A 566 11.26 -9.52 22.17
C GLU A 566 11.50 -9.84 20.68
N GLN A 567 12.70 -9.51 20.19
CA GLN A 567 13.06 -9.89 18.83
C GLN A 567 14.59 -10.02 18.80
N LEU A 568 15.12 -10.97 18.01
CA LEU A 568 16.60 -11.06 17.85
C LEU A 568 17.03 -9.83 17.01
N VAL A 569 18.08 -9.10 17.42
CA VAL A 569 18.63 -8.03 16.63
C VAL A 569 20.12 -8.42 16.34
N ASP A 570 20.68 -7.95 15.22
CA ASP A 570 22.11 -8.17 14.93
C ASP A 570 22.86 -6.90 14.63
N PHE A 571 24.13 -6.87 14.93
CA PHE A 571 24.98 -5.70 14.56
C PHE A 571 26.28 -6.20 13.97
N TYR A 572 26.93 -5.39 13.15
CA TYR A 572 28.24 -5.78 12.70
C TYR A 572 29.29 -5.23 13.68
N VAL A 573 30.26 -6.09 14.05
CA VAL A 573 31.32 -5.73 15.00
C VAL A 573 32.70 -6.15 14.46
N SER A 574 33.75 -5.44 14.93
CA SER A 574 35.13 -5.60 14.40
C SER A 574 35.89 -6.80 14.99
N SER A 575 35.27 -7.48 15.98
CA SER A 575 35.86 -8.67 16.70
C SER A 575 34.76 -9.70 16.95
N PRO A 576 35.08 -11.00 16.88
CA PRO A 576 34.04 -11.97 17.30
C PRO A 576 33.90 -12.06 18.80
N PHE A 577 34.82 -11.43 19.52
CA PHE A 577 34.93 -11.67 20.94
C PHE A 577 34.19 -10.55 21.66
N VAL A 578 32.86 -10.63 21.60
CA VAL A 578 32.04 -9.52 22.10
C VAL A 578 30.92 -10.12 22.92
N SER A 579 30.63 -9.47 24.06
CA SER A 579 29.51 -9.91 24.85
C SER A 579 28.53 -8.74 25.06
N VAL A 580 27.34 -9.09 25.49
CA VAL A 580 26.21 -8.14 25.51
C VAL A 580 25.74 -8.11 26.95
N THR A 581 25.46 -6.89 27.41
CA THR A 581 24.77 -6.66 28.69
C THR A 581 23.65 -5.64 28.52
N ASP A 582 22.72 -5.63 29.47
CA ASP A 582 21.63 -4.66 29.48
C ASP A 582 21.93 -3.50 30.41
N LEU A 583 20.91 -2.68 30.68
CA LEU A 583 21.10 -1.44 31.41
C LEU A 583 21.69 -1.69 32.80
N ALA A 584 21.35 -2.84 33.37
CA ALA A 584 21.73 -3.14 34.75
C ALA A 584 22.98 -4.04 34.80
N ASN A 585 23.68 -4.12 33.67
CA ASN A 585 24.83 -4.96 33.57
C ASN A 585 24.52 -6.44 33.70
N ASN A 586 23.26 -6.86 33.50
CA ASN A 586 22.94 -8.28 33.39
C ASN A 586 23.45 -8.79 32.05
N PRO A 587 24.20 -9.92 32.08
CA PRO A 587 24.62 -10.57 30.81
C PRO A 587 23.43 -10.97 29.98
N VAL A 588 23.57 -10.85 28.66
CA VAL A 588 22.56 -11.24 27.69
C VAL A 588 23.19 -12.27 26.75
N GLU A 589 22.50 -13.39 26.56
CA GLU A 589 23.00 -14.45 25.69
C GLU A 589 23.13 -13.95 24.27
N ALA A 590 24.26 -14.21 23.61
CA ALA A 590 24.44 -13.73 22.26
C ALA A 590 25.08 -14.81 21.43
N GLN A 591 25.02 -14.61 20.11
CA GLN A 591 25.57 -15.54 19.15
C GLN A 591 26.35 -14.69 18.13
N VAL A 592 27.56 -15.15 17.81
CA VAL A 592 28.30 -14.52 16.74
C VAL A 592 28.30 -15.46 15.51
N SER A 593 28.10 -14.87 14.33
CA SER A 593 28.14 -15.57 12.99
C SER A 593 29.09 -14.77 12.11
N PRO A 594 29.64 -15.39 11.03
CA PRO A 594 30.44 -14.64 10.04
C PRO A 594 29.50 -13.66 9.30
N VAL A 595 30.09 -12.71 8.56
CA VAL A 595 29.36 -11.92 7.63
C VAL A 595 29.57 -12.56 6.27
N TRP A 596 28.50 -13.13 5.72
CA TRP A 596 28.53 -13.84 4.42
C TRP A 596 27.96 -12.93 3.34
N SER A 597 28.67 -12.81 2.22
CA SER A 597 28.15 -12.11 1.04
C SER A 597 28.26 -13.03 -0.18
N TRP A 598 27.38 -12.83 -1.14
CA TRP A 598 27.34 -13.77 -2.26
C TRP A 598 27.80 -13.06 -3.49
N HIS A 599 28.48 -13.77 -4.36
CA HIS A 599 29.09 -13.14 -5.52
C HIS A 599 28.92 -14.04 -6.72
N HIS A 600 28.59 -13.43 -7.83
CA HIS A 600 28.45 -14.16 -9.07
C HIS A 600 29.84 -14.28 -9.62
N ASP A 601 30.56 -15.33 -9.18
CA ASP A 601 31.99 -15.56 -9.45
C ASP A 601 32.22 -16.00 -10.91
N THR A 602 32.46 -15.01 -11.79
CA THR A 602 32.58 -15.27 -13.22
C THR A 602 34.03 -15.65 -13.60
N LEU A 603 34.75 -16.24 -12.67
CA LEU A 603 35.89 -17.09 -13.04
C LEU A 603 35.44 -18.55 -13.00
N THR A 604 35.01 -19.02 -11.83
CA THR A 604 34.47 -20.40 -11.65
C THR A 604 33.02 -20.69 -12.12
N LYS A 605 32.33 -19.65 -12.62
CA LYS A 605 30.92 -19.72 -13.03
C LYS A 605 30.00 -20.31 -11.97
N THR A 606 30.27 -19.96 -10.71
CA THR A 606 29.35 -20.30 -9.63
C THR A 606 28.85 -18.99 -8.96
N ILE A 607 27.73 -19.09 -8.28
CA ILE A 607 27.25 -18.01 -7.41
C ILE A 607 27.56 -18.57 -6.05
N HIS A 608 28.46 -17.93 -5.33
CA HIS A 608 28.92 -18.58 -4.11
C HIS A 608 29.28 -17.56 -3.02
N PRO A 609 29.32 -18.05 -1.75
CA PRO A 609 29.54 -17.07 -0.65
C PRO A 609 30.97 -16.79 -0.34
N GLN A 610 31.24 -15.59 0.17
CA GLN A 610 32.55 -15.25 0.75
C GLN A 610 32.28 -14.80 2.15
N GLY A 611 33.13 -15.21 3.08
CA GLY A 611 33.06 -14.78 4.46
C GLY A 611 33.94 -13.56 4.70
N SER A 612 33.42 -12.61 5.47
CA SER A 612 34.31 -11.48 5.86
C SER A 612 35.48 -11.93 6.81
N THR A 613 36.66 -11.33 6.62
CA THR A 613 37.80 -11.57 7.52
C THR A 613 38.04 -10.35 8.42
N THR A 614 37.12 -9.35 8.40
CA THR A 614 37.34 -8.05 9.04
C THR A 614 36.17 -7.58 9.90
N LYS A 615 35.02 -8.23 9.74
CA LYS A 615 33.85 -7.95 10.61
C LYS A 615 33.00 -9.18 10.78
N TYR A 616 32.17 -9.12 11.83
CA TYR A 616 31.44 -10.32 12.29
C TYR A 616 30.04 -9.88 12.70
N ARG A 617 29.06 -10.79 12.79
CA ARG A 617 27.72 -10.39 13.20
C ARG A 617 27.49 -10.85 14.62
N ILE A 618 27.11 -9.95 15.52
CA ILE A 618 26.58 -10.38 16.79
C ILE A 618 25.06 -10.31 16.91
N ILE A 619 24.45 -11.32 17.51
CA ILE A 619 23.00 -11.48 17.47
C ILE A 619 22.58 -11.66 18.90
N PHE A 620 21.52 -10.97 19.33
CA PHE A 620 21.00 -11.23 20.67
C PHE A 620 19.56 -10.85 20.79
N LYS A 621 18.86 -11.37 21.82
CA LYS A 621 17.46 -11.05 21.94
C LYS A 621 17.27 -9.70 22.66
N ALA A 622 16.70 -8.73 21.98
CA ALA A 622 16.36 -7.45 22.67
C ALA A 622 14.95 -7.53 23.24
N ARG A 623 14.71 -7.02 24.45
CA ARG A 623 13.37 -6.97 25.02
C ARG A 623 13.03 -5.49 25.26
N VAL A 624 11.90 -5.03 24.69
CA VAL A 624 11.69 -3.55 24.60
C VAL A 624 10.28 -3.22 25.02
N PRO A 625 10.13 -2.16 25.87
CA PRO A 625 8.82 -1.74 26.35
C PRO A 625 7.85 -1.37 25.20
N PRO A 626 6.53 -1.34 25.52
CA PRO A 626 5.52 -0.91 24.53
C PRO A 626 5.85 0.55 24.14
N MET A 627 5.95 0.84 22.83
CA MET A 627 6.19 2.21 22.32
C MET A 627 7.41 2.79 23.03
N GLY A 628 8.43 1.93 23.17
CA GLY A 628 9.53 2.26 24.06
C GLY A 628 10.91 1.99 23.52
N LEU A 629 11.88 2.17 24.41
CA LEU A 629 13.30 2.05 24.10
C LEU A 629 13.99 1.20 25.15
N ALA A 630 15.05 0.51 24.70
CA ALA A 630 15.87 -0.27 25.64
C ALA A 630 17.33 -0.19 25.19
N THR A 631 18.25 0.00 26.14
CA THR A 631 19.65 0.26 25.80
C THR A 631 20.43 -1.04 26.18
N TYR A 632 21.41 -1.42 25.33
CA TYR A 632 22.28 -2.56 25.62
C TYR A 632 23.70 -2.10 25.36
N VAL A 633 24.65 -2.84 25.90
CA VAL A 633 26.08 -2.52 25.72
C VAL A 633 26.82 -3.72 25.12
N LEU A 634 27.66 -3.48 24.12
CA LEU A 634 28.51 -4.53 23.52
C LEU A 634 29.89 -4.24 24.04
N THR A 635 30.57 -5.28 24.56
CA THR A 635 31.89 -5.09 25.15
C THR A 635 32.85 -6.12 24.56
N ILE A 636 34.04 -5.69 24.14
CA ILE A 636 35.03 -6.60 23.52
C ILE A 636 35.77 -7.37 24.66
N SER A 637 36.26 -8.57 24.38
CA SER A 637 37.26 -9.21 25.27
C SER A 637 38.34 -9.86 24.43
N ASP A 638 39.42 -10.41 25.03
CA ASP A 638 40.51 -11.01 24.20
C ASP A 638 40.22 -12.43 23.72
N SER A 639 39.27 -13.10 24.39
CA SER A 639 38.95 -14.50 24.12
C SER A 639 37.43 -14.71 24.20
N LYS A 640 36.95 -15.95 23.95
CA LYS A 640 35.51 -16.27 23.94
C LYS A 640 34.83 -15.80 25.25
N PRO A 641 33.84 -14.86 25.16
CA PRO A 641 33.14 -14.46 26.38
C PRO A 641 32.24 -15.58 26.95
N GLU A 642 31.93 -15.56 28.24
CA GLU A 642 31.08 -16.59 28.84
C GLU A 642 29.72 -16.75 28.20
N HIS A 643 29.13 -15.66 27.73
CA HIS A 643 27.74 -15.69 27.33
C HIS A 643 27.48 -15.54 25.83
N THR A 644 28.53 -15.78 25.08
CA THR A 644 28.46 -15.66 23.63
C THR A 644 28.90 -16.94 22.99
N SER A 645 28.07 -17.47 22.09
CA SER A 645 28.34 -18.77 21.41
C SER A 645 28.68 -18.44 19.96
N TYR A 646 29.21 -19.43 19.25
CA TYR A 646 29.66 -19.23 17.88
C TYR A 646 28.96 -20.23 16.97
N ALA A 647 28.41 -19.75 15.84
CA ALA A 647 27.73 -20.63 14.93
C ALA A 647 28.73 -21.55 14.20
N SER A 648 28.30 -22.77 13.91
CA SER A 648 29.07 -23.58 12.95
C SER A 648 28.65 -23.23 11.52
N ASN A 649 29.53 -23.50 10.55
CA ASN A 649 29.16 -23.21 9.16
C ASN A 649 29.57 -24.35 8.23
N LEU A 650 28.71 -24.64 7.27
CA LEU A 650 28.95 -25.80 6.40
C LEU A 650 28.64 -25.40 4.98
N LEU A 651 29.62 -25.57 4.10
CA LEU A 651 29.41 -25.25 2.73
C LEU A 651 29.31 -26.53 1.93
N LEU A 652 28.18 -26.66 1.23
CA LEU A 652 27.82 -27.90 0.54
C LEU A 652 27.92 -27.66 -0.94
N ARG A 653 28.93 -28.26 -1.54
CA ARG A 653 29.19 -28.11 -2.96
C ARG A 653 30.27 -29.12 -3.31
N LYS A 654 30.22 -29.61 -4.53
CA LYS A 654 31.32 -30.43 -5.03
C LYS A 654 32.50 -29.47 -5.28
N ASN A 655 33.70 -30.00 -5.17
CA ASN A 655 34.91 -29.24 -5.49
C ASN A 655 35.05 -28.00 -4.58
N PRO A 656 34.96 -28.19 -3.25
CA PRO A 656 35.01 -26.98 -2.43
C PRO A 656 36.44 -26.48 -2.33
N THR A 657 36.57 -25.19 -2.03
CA THR A 657 37.86 -24.61 -1.66
C THR A 657 37.60 -23.94 -0.31
N SER A 658 38.68 -23.68 0.44
CA SER A 658 38.63 -23.05 1.76
C SER A 658 37.93 -21.67 1.77
N LEU A 659 37.47 -21.29 2.96
CA LEU A 659 36.75 -20.04 3.17
C LEU A 659 37.28 -19.47 4.47
N PRO A 660 38.41 -18.72 4.42
CA PRO A 660 38.91 -18.24 5.73
C PRO A 660 38.01 -17.09 6.28
N LEU A 661 38.00 -16.88 7.60
CA LEU A 661 37.07 -15.90 8.26
C LEU A 661 37.81 -15.06 9.32
N GLY A 662 39.09 -14.72 9.05
CA GLY A 662 39.81 -13.80 9.97
C GLY A 662 39.89 -14.39 11.36
N GLN A 663 39.45 -13.66 12.38
CA GLN A 663 39.50 -14.16 13.77
C GLN A 663 38.38 -15.11 14.18
N TYR A 664 37.45 -15.35 13.27
CA TYR A 664 36.27 -16.15 13.64
C TYR A 664 36.76 -17.49 14.18
N PRO A 665 36.32 -17.90 15.37
CA PRO A 665 36.95 -19.06 15.99
C PRO A 665 36.75 -20.49 15.40
N GLU A 666 35.71 -20.72 14.58
CA GLU A 666 35.30 -22.07 14.13
C GLU A 666 35.59 -22.15 12.67
N ASP A 667 36.28 -23.24 12.22
CA ASP A 667 36.64 -23.40 10.82
C ASP A 667 35.38 -23.80 10.13
N VAL A 668 35.16 -23.26 8.95
CA VAL A 668 34.06 -23.73 8.10
C VAL A 668 34.29 -25.24 7.74
N LYS A 669 33.20 -26.01 7.65
CA LYS A 669 33.22 -27.40 7.17
C LYS A 669 32.66 -27.44 5.78
N PHE A 670 33.00 -28.53 5.07
CA PHE A 670 32.63 -28.74 3.67
C PHE A 670 32.04 -30.14 3.51
N GLY A 671 31.22 -30.33 2.48
CA GLY A 671 30.52 -31.62 2.26
C GLY A 671 29.97 -31.57 0.84
N ASP A 672 29.72 -32.73 0.24
CA ASP A 672 29.00 -32.76 -1.01
C ASP A 672 27.51 -32.40 -0.74
N PRO A 673 26.81 -31.83 -1.76
CA PRO A 673 25.36 -31.53 -1.58
C PRO A 673 24.62 -32.73 -0.97
N ARG A 674 23.81 -32.47 0.04
CA ARG A 674 22.99 -33.49 0.67
C ARG A 674 21.76 -32.86 1.30
N GLU A 675 20.77 -33.70 1.63
CA GLU A 675 19.64 -33.23 2.40
C GLU A 675 20.07 -32.93 3.80
N ILE A 676 19.56 -31.85 4.38
CA ILE A 676 19.90 -31.52 5.75
C ILE A 676 18.66 -31.09 6.50
N SER A 677 18.73 -31.15 7.80
CA SER A 677 17.57 -30.80 8.60
C SER A 677 18.07 -29.97 9.80
N LEU A 678 17.26 -29.01 10.26
CA LEU A 678 17.67 -28.08 11.33
C LEU A 678 16.55 -27.78 12.26
N ARG A 679 16.94 -27.49 13.49
CA ARG A 679 16.00 -27.09 14.51
C ARG A 679 16.64 -26.06 15.41
N VAL A 680 16.03 -24.88 15.46
CA VAL A 680 16.37 -23.92 16.48
C VAL A 680 15.37 -23.93 17.68
N GLY A 681 15.92 -23.94 18.89
CA GLY A 681 15.14 -23.87 20.13
C GLY A 681 14.13 -24.99 20.20
N ASN A 682 12.93 -24.62 20.58
CA ASN A 682 11.84 -25.58 20.64
C ASN A 682 11.05 -25.64 19.38
N GLY A 683 11.50 -24.91 18.35
CA GLY A 683 10.63 -24.47 17.26
C GLY A 683 10.49 -25.60 16.26
N PRO A 684 10.07 -25.28 15.02
CA PRO A 684 9.94 -26.41 14.13
C PRO A 684 11.32 -26.96 13.68
N THR A 685 11.27 -28.19 13.19
CA THR A 685 12.35 -28.82 12.44
C THR A 685 12.08 -28.71 10.95
N LEU A 686 13.02 -28.13 10.20
CA LEU A 686 12.87 -27.95 8.78
C LEU A 686 13.91 -28.83 8.08
N ALA A 687 13.45 -29.43 7.01
CA ALA A 687 14.26 -30.24 6.16
C ALA A 687 14.42 -29.62 4.79
N PHE A 688 15.65 -29.79 4.28
CA PHE A 688 16.06 -29.11 3.08
C PHE A 688 16.55 -30.12 2.05
N SER A 689 16.24 -29.85 0.80
CA SER A 689 16.67 -30.68 -0.31
C SER A 689 18.20 -30.47 -0.52
N GLU A 690 18.80 -31.31 -1.33
CA GLU A 690 20.23 -31.09 -1.62
C GLU A 690 20.49 -29.83 -2.45
N GLN A 691 19.46 -29.21 -3.05
CA GLN A 691 19.66 -27.86 -3.64
C GLN A 691 19.38 -26.69 -2.66
N GLY A 692 19.15 -26.98 -1.37
CA GLY A 692 19.13 -25.96 -0.32
C GLY A 692 17.77 -25.26 -0.23
N LEU A 693 16.72 -25.92 -0.75
CA LEU A 693 15.33 -25.43 -0.67
C LEU A 693 14.53 -26.29 0.30
N LEU A 694 13.68 -25.63 1.05
CA LEU A 694 12.83 -26.30 1.97
C LEU A 694 12.05 -27.43 1.31
N LYS A 695 11.92 -28.54 2.03
CA LYS A 695 11.11 -29.68 1.58
C LYS A 695 10.07 -30.07 2.57
N SER A 696 10.30 -29.80 3.83
CA SER A 696 9.32 -30.18 4.85
C SER A 696 9.50 -29.45 6.15
N ILE A 697 8.42 -29.44 6.95
CA ILE A 697 8.34 -28.81 8.25
C ILE A 697 7.68 -29.75 9.21
N GLN A 698 8.36 -29.97 10.31
CA GLN A 698 7.84 -30.73 11.40
C GLN A 698 7.64 -29.85 12.61
N LEU A 699 6.37 -29.61 12.92
CA LEU A 699 5.99 -28.68 13.98
C LEU A 699 6.46 -29.04 15.38
N THR A 700 6.25 -30.30 15.78
CA THR A 700 6.57 -30.73 17.15
C THR A 700 7.38 -32.02 17.05
N GLN A 701 8.14 -32.31 18.09
CA GLN A 701 9.01 -33.51 18.06
C GLN A 701 8.26 -34.79 17.66
N ASP A 702 6.98 -34.87 18.05
CA ASP A 702 6.14 -36.04 17.80
C ASP A 702 5.28 -35.96 16.49
N SER A 703 5.33 -34.83 15.79
CA SER A 703 4.36 -34.59 14.72
C SER A 703 4.98 -35.01 13.40
N PRO A 704 4.17 -35.10 12.32
CA PRO A 704 4.65 -35.50 11.00
C PRO A 704 5.55 -34.45 10.31
N HIS A 705 6.41 -34.90 9.41
CA HIS A 705 7.17 -33.99 8.52
C HIS A 705 6.22 -33.60 7.37
N VAL A 706 5.63 -32.40 7.45
CA VAL A 706 4.65 -31.94 6.48
C VAL A 706 5.39 -31.43 5.25
N PRO A 707 5.10 -31.99 4.08
CA PRO A 707 5.73 -31.55 2.84
C PRO A 707 5.40 -30.07 2.51
N VAL A 708 6.44 -29.25 2.32
CA VAL A 708 6.34 -27.81 2.00
C VAL A 708 7.60 -27.56 1.19
N HIS A 709 7.41 -27.40 -0.11
N HIS A 709 7.47 -27.48 -0.12
CA HIS A 709 8.49 -27.40 -1.10
CA HIS A 709 8.64 -27.36 -0.95
C HIS A 709 8.64 -26.01 -1.79
C HIS A 709 8.59 -25.98 -1.57
N PHE A 710 9.73 -25.28 -1.51
CA PHE A 710 9.95 -24.05 -2.29
C PHE A 710 10.47 -24.42 -3.67
N LYS A 711 10.00 -23.70 -4.68
CA LYS A 711 10.49 -23.89 -6.03
C LYS A 711 10.51 -22.57 -6.79
N PHE A 712 11.55 -22.31 -7.58
CA PHE A 712 11.58 -21.13 -8.44
C PHE A 712 11.28 -21.45 -9.87
N LEU A 713 10.40 -20.66 -10.48
CA LEU A 713 10.03 -20.86 -11.91
C LEU A 713 10.04 -19.54 -12.67
N LYS A 714 10.00 -19.55 -14.00
CA LYS A 714 9.91 -18.36 -14.78
C LYS A 714 8.72 -18.40 -15.75
N TYR A 715 8.04 -17.26 -15.85
CA TYR A 715 7.18 -16.94 -16.98
C TYR A 715 7.87 -16.17 -18.09
N GLY A 716 7.38 -16.34 -19.32
CA GLY A 716 7.87 -15.64 -20.52
C GLY A 716 6.82 -14.66 -21.03
N VAL A 717 7.02 -14.17 -22.23
CA VAL A 717 6.16 -13.16 -22.86
C VAL A 717 5.68 -13.80 -24.18
N ARG A 718 4.52 -13.40 -24.65
CA ARG A 718 4.06 -13.88 -25.99
C ARG A 718 4.86 -13.30 -27.15
N SER A 719 5.26 -14.16 -28.09
CA SER A 719 5.89 -13.71 -29.35
C SER A 719 4.92 -12.99 -30.32
N HIS A 720 3.71 -13.51 -30.43
CA HIS A 720 2.66 -12.98 -31.31
C HIS A 720 1.51 -12.30 -30.49
N GLY A 721 1.04 -11.15 -30.96
CA GLY A 721 -0.08 -10.53 -30.23
C GLY A 721 0.37 -9.85 -28.93
N ASP A 722 -0.47 -9.86 -27.90
CA ASP A 722 -0.33 -8.80 -26.86
C ASP A 722 0.82 -9.16 -25.94
N ARG A 723 1.65 -8.14 -25.67
CA ARG A 723 2.86 -8.28 -24.85
C ARG A 723 2.63 -7.77 -23.42
N SER A 724 3.14 -8.53 -22.45
CA SER A 724 3.31 -8.00 -21.07
C SER A 724 4.10 -6.70 -21.08
N GLY A 725 3.77 -5.81 -20.15
CA GLY A 725 4.66 -4.66 -19.89
C GLY A 725 4.36 -4.29 -18.41
N ALA A 726 4.54 -3.03 -18.11
CA ALA A 726 4.51 -2.58 -16.70
C ALA A 726 3.12 -2.84 -16.09
N TYR A 727 2.04 -2.79 -16.91
CA TYR A 727 0.67 -2.92 -16.37
C TYR A 727 0.24 -4.39 -16.48
N LEU A 728 0.36 -4.88 -17.71
CA LEU A 728 -0.23 -6.18 -18.10
C LEU A 728 0.65 -7.38 -17.85
N PHE A 729 0.04 -8.47 -17.40
CA PHE A 729 0.76 -9.75 -17.22
C PHE A 729 0.09 -10.71 -18.27
N LEU A 730 0.81 -11.01 -19.35
CA LEU A 730 0.32 -11.82 -20.46
C LEU A 730 1.31 -13.00 -20.69
N PRO A 731 1.30 -14.03 -19.80
CA PRO A 731 2.36 -15.06 -19.86
C PRO A 731 2.07 -15.92 -21.10
N ASN A 732 3.14 -16.45 -21.68
CA ASN A 732 3.12 -17.46 -22.75
C ASN A 732 3.07 -18.84 -22.09
N GLY A 733 2.01 -19.08 -21.31
CA GLY A 733 1.74 -20.41 -20.70
C GLY A 733 2.20 -20.45 -19.25
N PRO A 734 1.89 -21.55 -18.56
CA PRO A 734 2.29 -21.69 -17.18
C PRO A 734 3.81 -21.64 -17.04
N ALA A 735 4.27 -21.34 -15.83
CA ALA A 735 5.74 -21.13 -15.63
C ALA A 735 6.58 -22.43 -15.77
N SER A 736 7.83 -22.28 -16.24
CA SER A 736 8.74 -23.47 -16.35
C SER A 736 9.78 -23.38 -15.23
N PRO A 737 10.27 -24.53 -14.71
CA PRO A 737 11.17 -24.46 -13.55
C PRO A 737 12.48 -23.82 -13.93
N VAL A 738 13.06 -23.06 -12.97
CA VAL A 738 14.40 -22.48 -13.17
C VAL A 738 15.34 -23.70 -13.08
N GLU A 739 16.23 -23.83 -14.05
CA GLU A 739 17.15 -24.94 -13.98
C GLU A 739 18.25 -24.50 -13.00
N LEU A 740 18.39 -25.28 -11.92
CA LEU A 740 19.25 -24.89 -10.80
C LEU A 740 20.74 -25.34 -10.90
N GLY A 741 21.04 -26.30 -11.79
CA GLY A 741 22.39 -26.92 -11.87
C GLY A 741 22.70 -27.58 -10.55
N GLN A 742 23.93 -27.36 -10.06
CA GLN A 742 24.33 -27.90 -8.76
C GLN A 742 24.69 -26.69 -7.85
N PRO A 743 23.65 -26.07 -7.22
CA PRO A 743 23.92 -24.80 -6.49
C PRO A 743 24.79 -24.98 -5.23
N VAL A 744 25.50 -23.92 -4.85
CA VAL A 744 26.23 -23.90 -3.65
C VAL A 744 25.25 -23.59 -2.52
N VAL A 745 25.30 -24.42 -1.46
CA VAL A 745 24.42 -24.28 -0.30
C VAL A 745 25.31 -23.96 0.92
N LEU A 746 24.94 -22.91 1.63
CA LEU A 746 25.60 -22.51 2.85
C LEU A 746 24.68 -22.71 4.04
N VAL A 747 25.18 -23.46 5.03
CA VAL A 747 24.36 -23.81 6.19
C VAL A 747 25.08 -23.25 7.42
N THR A 748 24.34 -22.46 8.20
CA THR A 748 24.90 -21.83 9.42
C THR A 748 24.00 -22.31 10.55
N LYS A 749 24.59 -22.96 11.56
CA LYS A 749 23.86 -23.51 12.68
C LYS A 749 24.31 -22.84 13.92
N GLY A 750 23.39 -22.18 14.60
CA GLY A 750 23.69 -21.45 15.82
C GLY A 750 22.61 -21.74 16.86
N LYS A 751 22.94 -21.42 18.11
CA LYS A 751 21.99 -21.60 19.17
C LYS A 751 20.76 -20.71 19.05
N LEU A 752 21.00 -19.48 18.60
CA LEU A 752 19.92 -18.47 18.51
C LEU A 752 19.35 -18.35 17.12
N GLU A 753 20.18 -18.58 16.09
CA GLU A 753 19.74 -18.36 14.72
C GLU A 753 20.50 -19.32 13.82
N SER A 754 19.76 -20.02 12.95
CA SER A 754 20.38 -20.87 11.94
C SER A 754 19.83 -20.49 10.60
N SER A 755 20.52 -20.90 9.55
N SER A 755 20.52 -20.89 9.54
CA SER A 755 19.95 -20.63 8.25
CA SER A 755 20.09 -20.47 8.22
C SER A 755 20.44 -21.62 7.23
C SER A 755 20.63 -21.36 7.11
N VAL A 756 19.81 -21.58 6.07
CA VAL A 756 20.25 -22.27 4.85
C VAL A 756 20.10 -21.26 3.75
N SER A 757 21.19 -21.02 3.02
CA SER A 757 21.18 -20.11 1.90
C SER A 757 21.71 -20.79 0.66
N VAL A 758 21.12 -20.47 -0.47
CA VAL A 758 21.56 -21.08 -1.75
C VAL A 758 21.62 -20.06 -2.88
N GLY A 759 22.68 -20.15 -3.68
CA GLY A 759 22.83 -19.25 -4.80
C GLY A 759 22.25 -19.89 -6.04
N LEU A 760 21.06 -19.43 -6.42
CA LEU A 760 20.28 -19.91 -7.58
C LEU A 760 20.42 -18.85 -8.66
N PRO A 761 20.17 -19.22 -9.95
CA PRO A 761 20.21 -18.19 -10.97
C PRO A 761 19.13 -17.12 -10.71
N SER A 762 19.60 -15.90 -10.64
CA SER A 762 18.81 -14.67 -10.33
C SER A 762 18.40 -14.44 -8.89
N VAL A 763 18.66 -15.40 -8.01
CA VAL A 763 18.10 -15.33 -6.65
C VAL A 763 19.05 -15.98 -5.66
N VAL A 764 19.53 -15.24 -4.66
CA VAL A 764 20.08 -15.90 -3.49
C VAL A 764 18.94 -16.08 -2.46
N HIS A 765 18.61 -17.35 -2.22
CA HIS A 765 17.43 -17.74 -1.42
C HIS A 765 17.87 -18.19 -0.08
N GLN A 766 17.30 -17.60 0.96
CA GLN A 766 17.72 -17.85 2.31
C GLN A 766 16.55 -18.18 3.23
N THR A 767 16.64 -19.32 3.95
CA THR A 767 15.73 -19.64 5.01
C THR A 767 16.39 -19.45 6.35
N ILE A 768 15.79 -18.58 7.18
CA ILE A 768 16.31 -18.28 8.50
C ILE A 768 15.39 -18.75 9.62
N MET A 769 15.99 -19.37 10.64
CA MET A 769 15.34 -20.00 11.77
C MET A 769 15.78 -19.38 13.08
N ARG A 770 14.80 -18.81 13.82
CA ARG A 770 15.08 -18.27 15.20
C ARG A 770 14.21 -18.92 16.26
N GLY A 771 13.58 -20.02 15.90
CA GLY A 771 12.78 -20.74 16.85
C GLY A 771 11.29 -20.65 16.67
N GLY A 772 10.80 -19.83 15.76
CA GLY A 772 9.38 -20.04 15.37
C GLY A 772 9.28 -20.20 13.86
N ALA A 773 8.23 -19.62 13.29
CA ALA A 773 8.09 -19.59 11.82
C ALA A 773 9.38 -18.99 11.17
N PRO A 774 9.94 -19.66 10.15
CA PRO A 774 11.13 -19.18 9.50
C PRO A 774 10.91 -17.80 8.81
N GLU A 775 12.00 -17.11 8.60
CA GLU A 775 12.02 -15.91 7.79
C GLU A 775 12.64 -16.35 6.46
N ILE A 776 12.05 -15.92 5.36
CA ILE A 776 12.68 -16.17 4.06
C ILE A 776 13.17 -14.80 3.52
N ARG A 777 14.42 -14.79 3.02
CA ARG A 777 14.94 -13.65 2.30
C ARG A 777 15.37 -14.04 0.92
N ASN A 778 14.94 -13.27 -0.07
CA ASN A 778 15.42 -13.47 -1.43
C ASN A 778 16.18 -12.25 -1.95
N LEU A 779 17.46 -12.42 -2.36
CA LEU A 779 18.14 -11.36 -3.02
C LEU A 779 17.97 -11.63 -4.49
N VAL A 780 17.18 -10.77 -5.12
CA VAL A 780 16.66 -11.01 -6.46
C VAL A 780 17.33 -10.07 -7.44
N ASP A 781 18.08 -10.66 -8.39
CA ASP A 781 18.73 -9.88 -9.46
C ASP A 781 18.47 -10.58 -10.77
N ILE A 782 17.44 -10.14 -11.48
CA ILE A 782 16.96 -10.75 -12.70
C ILE A 782 17.96 -10.44 -13.81
N GLY A 783 18.93 -9.56 -13.54
CA GLY A 783 20.05 -9.33 -14.48
C GLY A 783 19.61 -8.90 -15.87
N SER A 784 20.08 -9.60 -16.88
CA SER A 784 19.71 -9.22 -18.24
C SER A 784 18.70 -10.22 -18.84
N LEU A 785 17.90 -10.86 -17.97
CA LEU A 785 16.92 -11.85 -18.47
C LEU A 785 15.70 -11.15 -19.04
N ASP A 786 15.87 -10.54 -20.21
CA ASP A 786 14.70 -9.89 -20.90
C ASP A 786 13.48 -10.80 -21.06
N ASN A 787 12.29 -10.21 -21.02
CA ASN A 787 11.05 -10.97 -21.14
C ASN A 787 10.92 -12.19 -20.25
N THR A 788 11.23 -12.03 -18.96
CA THR A 788 11.10 -13.06 -17.97
C THR A 788 10.45 -12.50 -16.70
N GLU A 789 9.60 -13.30 -16.04
CA GLU A 789 9.08 -12.97 -14.71
C GLU A 789 9.48 -14.13 -13.85
N ILE A 790 10.20 -13.86 -12.74
CA ILE A 790 10.63 -14.92 -11.82
C ILE A 790 9.59 -15.05 -10.70
N VAL A 791 9.11 -16.27 -10.53
CA VAL A 791 8.14 -16.58 -9.47
C VAL A 791 8.70 -17.56 -8.45
N MET A 792 8.32 -17.34 -7.19
CA MET A 792 8.57 -18.30 -6.10
C MET A 792 7.28 -18.98 -5.73
N ARG A 793 7.29 -20.32 -5.80
CA ARG A 793 6.11 -21.12 -5.54
C ARG A 793 6.39 -22.03 -4.34
N LEU A 794 5.35 -22.29 -3.56
CA LEU A 794 5.34 -23.25 -2.51
C LEU A 794 4.37 -24.40 -2.94
N GLU A 795 4.83 -25.65 -2.81
CA GLU A 795 4.04 -26.85 -3.14
C GLU A 795 3.79 -27.67 -1.87
N THR A 796 2.52 -27.90 -1.54
CA THR A 796 2.15 -28.59 -0.30
C THR A 796 1.11 -29.69 -0.57
N HIS A 797 0.73 -30.40 0.48
CA HIS A 797 -0.36 -31.41 0.36
C HIS A 797 -1.63 -30.91 1.03
N ILE A 798 -1.73 -29.58 1.15
CA ILE A 798 -2.93 -29.01 1.78
C ILE A 798 -4.05 -29.12 0.74
N ASP A 799 -5.22 -29.64 1.12
CA ASP A 799 -6.22 -29.84 0.11
C ASP A 799 -7.15 -28.56 0.03
N SER A 800 -6.59 -27.51 -0.58
CA SER A 800 -7.24 -26.22 -0.59
C SER A 800 -8.22 -26.11 -1.78
N GLY A 801 -8.09 -27.01 -2.77
CA GLY A 801 -9.01 -27.02 -3.94
C GLY A 801 -8.74 -25.83 -4.84
N ASP A 802 -9.76 -24.98 -4.99
CA ASP A 802 -9.63 -23.80 -5.80
C ASP A 802 -9.62 -22.50 -4.89
N ILE A 803 -9.55 -22.66 -3.56
CA ILE A 803 -9.69 -21.49 -2.64
C ILE A 803 -8.37 -21.01 -2.14
N PHE A 804 -8.22 -19.71 -1.95
CA PHE A 804 -7.03 -19.19 -1.30
C PHE A 804 -7.38 -17.84 -0.76
N TYR A 805 -6.50 -17.26 0.02
CA TYR A 805 -6.78 -15.97 0.65
C TYR A 805 -5.60 -15.00 0.37
N THR A 806 -5.95 -13.75 0.05
CA THR A 806 -4.95 -12.72 -0.11
C THR A 806 -5.45 -11.48 0.70
N ASP A 807 -4.51 -10.57 1.04
CA ASP A 807 -4.97 -9.36 1.82
C ASP A 807 -5.29 -8.17 0.89
N LEU A 808 -6.03 -7.20 1.45
CA LEU A 808 -6.26 -5.94 0.76
C LEU A 808 -5.62 -4.89 1.63
N ASN A 809 -4.59 -4.22 1.10
CA ASN A 809 -3.92 -3.07 1.76
C ASN A 809 -3.41 -3.34 3.18
N GLY A 810 -3.06 -4.61 3.50
CA GLY A 810 -2.54 -4.84 4.86
C GLY A 810 -3.66 -4.72 5.91
N LEU A 811 -4.91 -4.70 5.48
CA LEU A 811 -6.03 -4.45 6.43
C LEU A 811 -6.91 -5.65 6.71
N GLN A 812 -7.14 -6.47 5.69
CA GLN A 812 -8.18 -7.56 5.78
C GLN A 812 -7.80 -8.64 4.78
N PHE A 813 -8.21 -9.88 5.04
CA PHE A 813 -7.96 -10.99 4.12
C PHE A 813 -9.25 -11.37 3.45
N ILE A 814 -9.22 -11.46 2.15
CA ILE A 814 -10.41 -11.78 1.41
C ILE A 814 -10.27 -13.16 0.74
N LYS A 815 -11.37 -13.93 0.77
CA LYS A 815 -11.39 -15.20 0.07
C LYS A 815 -11.31 -14.99 -1.46
N ARG A 816 -10.39 -15.71 -2.09
CA ARG A 816 -10.27 -15.82 -3.57
C ARG A 816 -10.68 -17.25 -4.00
N ARG A 817 -11.28 -17.33 -5.17
CA ARG A 817 -11.52 -18.64 -5.81
C ARG A 817 -10.86 -18.63 -7.20
N ARG A 818 -9.96 -19.57 -7.39
CA ARG A 818 -9.32 -19.73 -8.67
C ARG A 818 -10.43 -20.19 -9.66
N LEU A 819 -10.52 -19.53 -10.82
CA LEU A 819 -11.55 -19.89 -11.81
C LEU A 819 -10.93 -20.32 -13.13
N ASP A 820 -11.21 -21.55 -13.52
CA ASP A 820 -10.63 -21.96 -14.78
C ASP A 820 -11.28 -21.33 -16.01
N LYS A 821 -12.43 -20.65 -15.82
CA LYS A 821 -13.01 -19.85 -16.91
C LYS A 821 -12.27 -18.53 -17.21
N LEU A 822 -11.29 -18.20 -16.35
CA LEU A 822 -10.46 -17.02 -16.52
C LEU A 822 -9.00 -17.44 -16.83
N PRO A 823 -8.29 -16.67 -17.62
CA PRO A 823 -6.92 -17.08 -17.94
C PRO A 823 -6.01 -16.96 -16.70
N LEU A 824 -4.78 -17.48 -16.79
CA LEU A 824 -3.90 -17.52 -15.63
C LEU A 824 -3.75 -16.10 -14.98
N GLN A 825 -3.48 -15.11 -15.82
CA GLN A 825 -3.19 -13.73 -15.33
C GLN A 825 -4.34 -13.07 -14.58
N ALA A 826 -5.55 -13.58 -14.85
CA ALA A 826 -6.72 -13.11 -14.11
C ALA A 826 -6.86 -13.69 -12.72
N ASN A 827 -6.21 -14.86 -12.46
CA ASN A 827 -6.23 -15.50 -11.18
C ASN A 827 -5.08 -15.00 -10.29
N TYR A 828 -4.35 -13.99 -10.82
CA TYR A 828 -3.31 -13.28 -9.98
C TYR A 828 -4.03 -12.18 -9.25
N TYR A 829 -3.69 -11.98 -7.95
CA TYR A 829 -4.25 -10.89 -7.17
C TYR A 829 -3.14 -10.12 -6.54
N PRO A 830 -3.46 -8.93 -6.00
CA PRO A 830 -2.42 -8.25 -5.16
C PRO A 830 -2.11 -9.06 -3.91
N ILE A 831 -0.82 -9.18 -3.56
CA ILE A 831 -0.40 -9.67 -2.21
C ILE A 831 0.30 -8.57 -1.48
N PRO A 832 -0.47 -7.57 -1.05
CA PRO A 832 0.22 -6.48 -0.39
C PRO A 832 0.91 -6.78 0.92
N SER A 833 0.48 -7.82 1.67
CA SER A 833 1.19 -8.21 2.93
C SER A 833 1.07 -9.70 3.30
N GLY A 834 0.15 -10.43 2.65
CA GLY A 834 0.09 -11.85 2.97
C GLY A 834 -0.94 -12.62 2.12
N MET A 835 -0.73 -13.94 2.14
CA MET A 835 -1.62 -14.84 1.45
C MET A 835 -1.62 -16.17 2.24
N PHE A 836 -2.74 -16.92 2.14
CA PHE A 836 -2.71 -18.28 2.74
C PHE A 836 -3.62 -19.29 2.01
N ILE A 837 -3.42 -20.60 2.30
CA ILE A 837 -4.27 -21.70 1.77
C ILE A 837 -4.49 -22.57 2.98
N GLU A 838 -5.66 -23.22 3.05
CA GLU A 838 -5.89 -24.05 4.18
C GLU A 838 -6.86 -25.17 3.76
N ASP A 839 -6.88 -26.22 4.59
CA ASP A 839 -7.94 -27.22 4.44
C ASP A 839 -8.53 -27.40 5.81
N ALA A 840 -9.20 -28.52 6.06
CA ALA A 840 -9.77 -28.77 7.36
C ALA A 840 -8.79 -28.76 8.53
N ASN A 841 -7.55 -29.21 8.29
CA ASN A 841 -6.58 -29.38 9.38
C ASN A 841 -5.38 -28.44 9.30
N THR A 842 -4.99 -28.03 8.09
CA THR A 842 -3.68 -27.38 7.97
C THR A 842 -3.79 -26.06 7.18
N ARG A 843 -3.02 -25.06 7.66
CA ARG A 843 -2.84 -23.80 6.92
C ARG A 843 -1.34 -23.48 6.66
N LEU A 844 -1.05 -22.87 5.50
CA LEU A 844 0.24 -22.30 5.26
C LEU A 844 0.01 -20.84 4.90
N THR A 845 0.70 -19.96 5.65
CA THR A 845 0.50 -18.50 5.42
C THR A 845 1.86 -17.97 5.06
N LEU A 846 1.94 -17.17 3.99
CA LEU A 846 3.16 -16.47 3.59
C LEU A 846 2.88 -15.00 3.74
N LEU A 847 3.67 -14.34 4.61
CA LEU A 847 3.53 -12.92 4.96
C LEU A 847 4.69 -12.20 4.25
N THR A 848 4.46 -10.97 3.80
CA THR A 848 5.48 -10.32 2.92
C THR A 848 5.91 -9.00 3.59
N GLY A 849 7.17 -8.59 3.32
CA GLY A 849 7.61 -7.24 3.64
C GLY A 849 7.45 -6.21 2.52
N GLN A 850 6.77 -6.58 1.42
CA GLN A 850 6.63 -5.73 0.22
C GLN A 850 5.44 -6.30 -0.57
N PRO A 851 4.69 -5.40 -1.24
CA PRO A 851 3.54 -5.88 -2.06
C PRO A 851 4.08 -6.50 -3.37
N LEU A 852 3.57 -7.71 -3.71
CA LEU A 852 3.96 -8.41 -4.96
C LEU A 852 2.65 -9.04 -5.49
N GLY A 853 2.66 -9.54 -6.74
CA GLY A 853 1.49 -10.28 -7.35
C GLY A 853 1.60 -11.77 -7.00
N GLY A 854 0.44 -12.45 -6.91
CA GLY A 854 0.57 -13.86 -6.56
C GLY A 854 -0.76 -14.60 -6.76
N SER A 855 -0.75 -15.91 -6.54
CA SER A 855 -1.99 -16.68 -6.78
C SER A 855 -1.84 -18.05 -6.10
N SER A 856 -2.84 -18.94 -6.33
CA SER A 856 -2.75 -20.35 -6.00
C SER A 856 -3.32 -21.00 -7.27
N LEU A 857 -2.43 -21.50 -8.13
CA LEU A 857 -2.83 -21.95 -9.48
C LEU A 857 -3.25 -23.43 -9.49
N ALA A 858 -3.02 -24.07 -8.37
CA ALA A 858 -3.39 -25.47 -8.15
C ALA A 858 -3.55 -25.71 -6.69
N SER A 859 -4.42 -26.64 -6.39
CA SER A 859 -4.59 -27.13 -5.06
C SER A 859 -3.27 -27.36 -4.28
N GLY A 860 -3.18 -26.80 -3.08
CA GLY A 860 -1.97 -26.89 -2.21
C GLY A 860 -0.81 -25.95 -2.57
N GLU A 861 -0.97 -25.09 -3.60
CA GLU A 861 0.09 -24.18 -3.98
C GLU A 861 -0.14 -22.75 -3.50
N LEU A 862 0.97 -22.04 -3.37
CA LEU A 862 0.93 -20.56 -3.27
C LEU A 862 2.09 -20.12 -4.14
N GLU A 863 1.95 -19.00 -4.83
CA GLU A 863 3.07 -18.43 -5.58
C GLU A 863 3.05 -16.93 -5.60
N ILE A 864 4.23 -16.34 -5.64
CA ILE A 864 4.35 -14.86 -5.59
C ILE A 864 5.52 -14.44 -6.44
N MET A 865 5.25 -13.48 -7.32
CA MET A 865 6.20 -13.03 -8.33
C MET A 865 7.29 -12.20 -7.64
N GLN A 866 8.56 -12.45 -7.99
CA GLN A 866 9.72 -11.74 -7.38
C GLN A 866 10.14 -10.50 -8.18
N ASP A 867 10.19 -10.62 -9.52
CA ASP A 867 10.61 -9.53 -10.39
C ASP A 867 10.24 -9.84 -11.82
N ARG A 868 10.17 -8.78 -12.64
CA ARG A 868 9.80 -8.99 -14.02
C ARG A 868 10.54 -8.00 -14.86
N ARG A 869 11.08 -8.46 -15.98
CA ARG A 869 11.85 -7.60 -16.87
C ARG A 869 11.40 -7.75 -18.31
N LEU A 870 10.90 -6.66 -18.89
CA LEU A 870 9.98 -6.74 -20.02
C LEU A 870 10.39 -5.77 -21.13
N ALA A 871 10.74 -6.32 -22.29
CA ALA A 871 11.47 -5.57 -23.30
C ALA A 871 10.51 -4.88 -24.27
N SER A 872 9.22 -5.16 -24.11
CA SER A 872 8.15 -4.41 -24.87
C SER A 872 7.21 -3.59 -24.06
N ASP A 873 6.62 -2.62 -24.73
CA ASP A 873 5.52 -1.75 -24.22
C ASP A 873 4.18 -2.48 -24.35
N ASP A 874 3.29 -2.24 -23.38
CA ASP A 874 1.99 -2.92 -23.35
C ASP A 874 0.85 -1.95 -23.82
N GLU A 875 1.22 -0.93 -24.59
CA GLU A 875 0.23 -0.15 -25.38
C GLU A 875 -0.81 0.50 -24.50
N ARG A 876 -0.40 0.96 -23.30
CA ARG A 876 -1.28 1.84 -22.46
C ARG A 876 -0.87 3.29 -22.35
N GLY A 877 0.22 3.71 -22.99
CA GLY A 877 0.58 5.14 -23.02
C GLY A 877 1.94 5.35 -22.33
N LEU A 878 2.46 4.31 -21.67
CA LEU A 878 3.75 4.47 -20.98
C LEU A 878 4.94 4.57 -21.99
N GLY A 879 4.79 3.90 -23.14
CA GLY A 879 5.82 3.92 -24.18
C GLY A 879 7.18 3.35 -23.82
N GLN A 880 7.21 2.34 -22.97
CA GLN A 880 8.44 1.62 -22.66
C GLN A 880 8.06 0.36 -21.96
N GLY A 881 8.96 -0.61 -21.96
CA GLY A 881 8.89 -1.78 -21.12
C GLY A 881 9.44 -1.47 -19.73
N VAL A 882 9.90 -2.53 -19.06
CA VAL A 882 10.45 -2.46 -17.69
C VAL A 882 11.83 -3.11 -17.88
N LEU A 883 12.87 -2.28 -18.01
CA LEU A 883 14.28 -2.74 -18.24
C LEU A 883 15.25 -2.07 -17.27
N ASP A 884 14.70 -1.52 -16.19
CA ASP A 884 15.46 -0.80 -15.15
C ASP A 884 15.53 -1.59 -13.82
N ASN A 885 15.42 -2.92 -13.87
CA ASN A 885 15.51 -3.78 -12.67
C ASN A 885 16.80 -3.57 -11.93
N LYS A 886 16.75 -3.65 -10.60
CA LYS A 886 17.98 -3.60 -9.78
C LYS A 886 17.79 -4.61 -8.68
N PRO A 887 18.90 -5.08 -8.07
CA PRO A 887 18.81 -6.06 -7.01
C PRO A 887 17.97 -5.56 -5.83
N VAL A 888 17.08 -6.43 -5.41
CA VAL A 888 16.15 -6.13 -4.34
C VAL A 888 16.16 -7.31 -3.37
N LEU A 889 16.13 -6.97 -2.09
CA LEU A 889 15.98 -7.96 -1.03
C LEU A 889 14.47 -8.04 -0.55
N HIS A 890 13.79 -9.09 -1.02
CA HIS A 890 12.44 -9.47 -0.61
C HIS A 890 12.44 -10.28 0.69
N ILE A 891 11.56 -9.94 1.63
CA ILE A 891 11.53 -10.67 2.94
C ILE A 891 10.13 -11.22 3.16
N TYR A 892 10.09 -12.35 3.83
CA TYR A 892 8.84 -13.07 4.11
C TYR A 892 8.94 -13.76 5.47
N ARG A 893 7.77 -14.16 6.01
CA ARG A 893 7.68 -15.21 7.07
C ARG A 893 6.78 -16.32 6.54
N LEU A 894 7.11 -17.56 6.93
CA LEU A 894 6.42 -18.73 6.39
C LEU A 894 5.87 -19.49 7.59
N VAL A 895 4.53 -19.52 7.67
CA VAL A 895 3.88 -20.01 8.91
C VAL A 895 3.02 -21.21 8.58
N LEU A 896 3.48 -22.38 9.03
CA LEU A 896 2.67 -23.59 8.86
C LEU A 896 1.96 -23.86 10.16
N GLU A 897 0.65 -24.12 10.13
CA GLU A 897 -0.09 -24.22 11.38
C GLU A 897 -1.17 -25.32 11.28
N LYS A 898 -1.42 -26.02 12.40
CA LYS A 898 -2.66 -26.83 12.55
C LYS A 898 -3.80 -25.90 12.86
N VAL A 899 -4.90 -26.01 12.12
CA VAL A 899 -6.06 -25.11 12.29
C VAL A 899 -7.42 -25.80 12.52
N ASN A 900 -7.38 -27.12 12.68
CA ASN A 900 -8.63 -27.85 12.90
C ASN A 900 -9.28 -27.42 14.20
N ASN A 901 -8.51 -26.91 15.17
CA ASN A 901 -9.12 -26.37 16.37
C ASN A 901 -9.60 -24.92 16.30
N CYS A 902 -9.31 -24.20 15.20
CA CYS A 902 -9.63 -22.79 15.15
C CYS A 902 -11.08 -22.59 14.78
N VAL A 903 -11.69 -21.57 15.38
CA VAL A 903 -13.05 -21.15 14.98
C VAL A 903 -12.98 -20.29 13.69
N ARG A 904 -13.29 -20.90 12.56
CA ARG A 904 -13.24 -20.23 11.23
C ARG A 904 -14.63 -19.79 10.77
N PRO A 905 -14.69 -18.79 9.86
CA PRO A 905 -15.94 -18.43 9.21
C PRO A 905 -16.49 -19.65 8.49
N SER A 906 -17.79 -19.65 8.25
CA SER A 906 -18.41 -20.70 7.47
C SER A 906 -17.99 -20.65 6.02
N LYS A 907 -18.38 -21.69 5.31
CA LYS A 907 -18.03 -21.86 3.89
C LYS A 907 -18.42 -20.67 3.00
N LEU A 908 -19.57 -20.06 3.30
CA LEU A 908 -20.04 -18.97 2.49
C LEU A 908 -19.50 -17.59 2.89
N HIS A 909 -18.64 -17.52 3.94
CA HIS A 909 -18.25 -16.20 4.41
C HIS A 909 -17.15 -15.68 3.45
N PRO A 910 -17.18 -14.39 3.09
CA PRO A 910 -16.14 -13.90 2.10
C PRO A 910 -14.76 -13.54 2.68
N ALA A 911 -14.62 -13.58 4.01
CA ALA A 911 -13.35 -13.13 4.67
C ALA A 911 -12.56 -14.33 5.20
N GLY A 912 -11.27 -14.10 5.50
CA GLY A 912 -10.53 -15.05 6.40
C GLY A 912 -9.77 -14.17 7.38
N TYR A 913 -9.17 -14.83 8.38
CA TYR A 913 -8.47 -14.08 9.44
C TYR A 913 -7.18 -14.78 9.74
N LEU A 914 -6.17 -14.02 10.13
CA LEU A 914 -4.90 -14.65 10.60
C LEU A 914 -4.99 -15.20 11.99
N THR A 915 -4.07 -16.11 12.30
CA THR A 915 -3.83 -16.50 13.67
C THR A 915 -2.92 -15.47 14.36
N SER A 916 -2.76 -15.61 15.68
CA SER A 916 -1.80 -14.83 16.45
C SER A 916 -0.37 -14.92 15.86
N ALA A 917 0.06 -16.15 15.61
CA ALA A 917 1.46 -16.34 15.11
C ALA A 917 1.63 -15.62 13.79
N ALA A 918 0.67 -15.75 12.87
CA ALA A 918 0.81 -15.16 11.57
C ALA A 918 0.75 -13.61 11.63
N HIS A 919 -0.14 -13.12 12.44
CA HIS A 919 -0.21 -11.64 12.64
C HIS A 919 1.11 -11.11 13.25
N LYS A 920 1.64 -11.77 14.30
CA LYS A 920 2.95 -11.38 14.86
C LYS A 920 4.07 -11.44 13.79
N ALA A 921 4.03 -12.49 12.96
CA ALA A 921 5.01 -12.63 11.88
C ALA A 921 4.92 -11.42 10.89
N SER A 922 3.69 -11.04 10.51
CA SER A 922 3.53 -9.87 9.65
C SER A 922 4.12 -8.62 10.30
N GLN A 923 3.79 -8.40 11.58
CA GLN A 923 4.37 -7.25 12.34
C GLN A 923 5.89 -7.28 12.41
N SER A 924 6.50 -8.49 12.48
CA SER A 924 7.95 -8.60 12.53
C SER A 924 8.59 -8.11 11.20
N LEU A 925 7.87 -8.26 10.06
CA LEU A 925 8.35 -7.76 8.77
C LEU A 925 8.06 -6.28 8.60
N LEU A 926 6.88 -5.81 8.95
CA LEU A 926 6.53 -4.42 8.57
C LEU A 926 7.00 -3.41 9.61
N ASP A 927 6.99 -3.80 10.87
CA ASP A 927 7.43 -2.86 11.91
C ASP A 927 8.34 -3.54 12.92
N PRO A 928 9.53 -3.90 12.50
CA PRO A 928 10.49 -4.54 13.40
C PRO A 928 11.05 -3.48 14.41
N LEU A 929 11.78 -3.96 15.41
CA LEU A 929 12.54 -3.02 16.24
C LEU A 929 13.47 -2.18 15.35
N ASP A 930 13.61 -0.93 15.73
CA ASP A 930 14.58 -0.05 15.14
C ASP A 930 15.85 -0.13 15.97
N LYS A 931 17.01 -0.01 15.34
CA LYS A 931 18.28 -0.12 16.02
C LYS A 931 19.07 1.14 15.86
N PHE A 932 19.68 1.61 16.96
CA PHE A 932 20.50 2.79 16.89
C PHE A 932 21.90 2.48 17.51
N ILE A 933 22.95 2.93 16.85
CA ILE A 933 24.33 2.73 17.35
C ILE A 933 24.79 4.12 17.88
N PHE A 934 25.26 4.21 19.14
CA PHE A 934 25.73 5.53 19.58
C PHE A 934 26.99 5.95 18.78
N ALA A 935 27.02 7.18 18.29
CA ALA A 935 27.97 7.52 17.24
C ALA A 935 29.34 7.99 17.75
N GLU A 936 29.39 8.45 19.01
CA GLU A 936 30.66 8.98 19.61
C GLU A 936 31.20 7.98 20.64
N ASN A 937 32.28 8.34 21.35
CA ASN A 937 32.91 7.32 22.19
C ASN A 937 32.22 7.16 23.47
N GLU A 938 31.65 8.24 23.96
CA GLU A 938 31.06 8.24 25.23
C GLU A 938 29.72 9.02 25.34
N TRP A 939 28.72 8.35 25.85
CA TRP A 939 27.36 8.89 26.03
C TRP A 939 27.14 9.27 27.52
N ILE A 940 27.31 10.54 27.84
CA ILE A 940 27.20 11.02 29.21
C ILE A 940 25.71 11.14 29.54
N GLY A 941 25.28 10.58 30.66
CA GLY A 941 23.87 10.75 31.14
C GLY A 941 22.92 9.71 30.54
N ALA A 942 23.51 8.73 29.85
CA ALA A 942 22.71 7.64 29.28
C ALA A 942 21.80 6.90 30.27
N GLN A 943 20.59 6.60 29.82
CA GLN A 943 19.56 5.91 30.60
C GLN A 943 19.24 4.61 29.94
N GLY A 944 18.73 3.66 30.71
CA GLY A 944 18.57 2.33 30.25
C GLY A 944 17.31 2.00 29.49
N GLN A 945 16.29 2.82 29.68
CA GLN A 945 14.99 2.39 29.16
C GLN A 945 14.06 3.61 29.08
N PHE A 946 13.14 3.55 28.13
CA PHE A 946 12.06 4.51 28.09
C PHE A 946 10.78 3.74 27.88
N GLY A 947 9.75 4.08 28.65
CA GLY A 947 8.43 3.54 28.34
C GLY A 947 8.09 2.27 29.10
N GLY A 948 8.86 1.95 30.14
CA GLY A 948 8.55 0.75 30.96
C GLY A 948 7.19 0.86 31.64
N ASP A 949 6.66 2.07 31.81
CA ASP A 949 5.33 2.23 32.42
C ASP A 949 4.21 2.30 31.37
N HIS A 950 4.55 2.15 30.07
CA HIS A 950 3.48 2.24 29.03
C HIS A 950 2.70 0.97 29.12
N PRO A 951 1.36 1.01 28.95
CA PRO A 951 0.51 -0.17 28.95
C PRO A 951 0.80 -1.11 27.83
N SER A 952 0.81 -2.39 28.14
CA SER A 952 1.10 -3.41 27.13
C SER A 952 -0.25 -3.99 26.65
N ALA A 953 -0.70 -3.52 25.49
CA ALA A 953 -2.06 -3.70 25.00
C ALA A 953 -2.28 -5.10 24.40
N ARG A 954 -3.53 -5.55 24.31
CA ARG A 954 -3.83 -6.87 23.74
C ARG A 954 -3.19 -6.96 22.36
N GLU A 955 -2.68 -8.16 22.02
CA GLU A 955 -1.90 -8.35 20.77
C GLU A 955 -2.62 -7.98 19.48
N ASP A 956 -3.96 -7.93 19.48
CA ASP A 956 -4.63 -7.62 18.24
C ASP A 956 -4.80 -6.10 18.07
N LEU A 957 -4.41 -5.34 19.10
CA LEU A 957 -4.53 -3.86 19.01
C LEU A 957 -3.24 -3.17 18.62
N ASP A 958 -3.31 -2.24 17.68
CA ASP A 958 -2.11 -1.42 17.35
C ASP A 958 -2.40 0.07 17.50
N VAL A 959 -1.35 0.85 17.83
CA VAL A 959 -1.38 2.31 17.69
C VAL A 959 -0.70 2.61 16.34
N SER A 960 -1.53 2.65 15.30
CA SER A 960 -1.04 2.69 13.90
C SER A 960 -0.31 4.01 13.70
N VAL A 961 -0.79 5.05 14.39
CA VAL A 961 -0.22 6.40 14.24
C VAL A 961 -0.24 7.05 15.61
N MET A 962 0.87 7.67 15.94
CA MET A 962 0.93 8.69 16.96
C MET A 962 1.58 9.91 16.35
N ARG A 963 0.90 11.07 16.45
CA ARG A 963 1.34 12.27 15.80
C ARG A 963 1.00 13.47 16.66
N ARG A 964 2.03 14.18 17.09
CA ARG A 964 1.78 15.50 17.74
C ARG A 964 1.28 16.49 16.67
N LEU A 965 0.16 17.18 16.96
CA LEU A 965 -0.55 17.98 15.93
C LEU A 965 -0.31 19.48 16.05
N THR A 966 0.36 19.92 17.13
CA THR A 966 0.61 21.35 17.45
C THR A 966 2.14 21.57 17.52
N LYS A 967 2.55 22.78 17.15
CA LYS A 967 3.89 23.25 17.31
C LYS A 967 4.13 23.75 18.74
N SER A 968 5.39 24.03 19.09
CA SER A 968 5.73 24.21 20.50
C SER A 968 5.14 25.49 21.09
N SER A 969 4.85 26.47 20.23
CA SER A 969 4.20 27.69 20.78
C SER A 969 2.70 27.60 21.21
N ALA A 970 1.95 26.53 20.82
CA ALA A 970 0.54 26.42 21.23
C ALA A 970 0.41 26.21 22.72
N LYS A 971 -0.44 27.02 23.37
CA LYS A 971 -0.77 26.79 24.77
C LYS A 971 -1.36 25.37 25.00
N THR A 972 -2.34 24.96 24.18
CA THR A 972 -2.96 23.66 24.32
C THR A 972 -2.27 22.73 23.30
N GLN A 973 -1.42 21.83 23.80
CA GLN A 973 -0.78 20.81 22.86
C GLN A 973 -1.84 19.75 22.48
N ARG A 974 -1.79 19.23 21.24
CA ARG A 974 -2.72 18.19 20.88
C ARG A 974 -1.90 17.06 20.23
N VAL A 975 -2.26 15.86 20.57
CA VAL A 975 -1.60 14.65 20.01
C VAL A 975 -2.68 13.71 19.43
N GLY A 976 -2.54 13.34 18.15
CA GLY A 976 -3.49 12.39 17.62
C GLY A 976 -2.99 10.95 17.57
N TYR A 977 -3.92 10.03 17.75
CA TYR A 977 -3.63 8.61 17.74
C TYR A 977 -4.64 7.90 16.83
N VAL A 978 -4.14 6.96 16.01
CA VAL A 978 -5.03 6.09 15.22
C VAL A 978 -4.88 4.73 15.80
N LEU A 979 -5.99 4.17 16.29
CA LEU A 979 -6.02 2.84 16.91
C LEU A 979 -6.70 1.81 16.02
N HIS A 980 -6.00 0.72 15.74
CA HIS A 980 -6.53 -0.28 14.88
C HIS A 980 -6.58 -1.61 15.59
N ARG A 981 -7.75 -2.27 15.64
CA ARG A 981 -7.83 -3.62 16.19
CA ARG A 981 -7.77 -3.65 16.17
C ARG A 981 -8.09 -4.61 15.05
N THR A 982 -7.19 -5.60 14.88
CA THR A 982 -7.44 -6.65 13.85
C THR A 982 -8.37 -7.68 14.42
N ASN A 983 -8.67 -8.75 13.70
CA ASN A 983 -9.41 -9.84 14.29
C ASN A 983 -8.59 -11.13 14.07
N LEU A 984 -8.24 -11.80 15.17
CA LEU A 984 -7.40 -13.01 15.12
C LEU A 984 -8.29 -14.21 15.44
N MET A 985 -8.05 -15.33 14.74
N MET A 985 -8.01 -15.32 14.78
CA MET A 985 -8.73 -16.62 15.03
CA MET A 985 -8.65 -16.62 15.08
C MET A 985 -8.47 -17.17 16.41
C MET A 985 -8.48 -17.08 16.52
N GLN A 986 -9.57 -17.64 17.04
CA GLN A 986 -9.54 -18.30 18.33
C GLN A 986 -9.21 -19.76 18.04
N CYS A 987 -8.04 -20.19 18.46
CA CYS A 987 -7.58 -21.53 18.22
C CYS A 987 -7.26 -22.27 19.49
N GLY A 988 -7.68 -21.72 20.61
CA GLY A 988 -7.56 -22.30 21.92
C GLY A 988 -6.26 -22.08 22.65
N THR A 989 -5.49 -21.07 22.30
CA THR A 989 -4.59 -20.52 23.29
C THR A 989 -5.34 -19.59 24.24
N PRO A 990 -5.34 -19.93 25.52
CA PRO A 990 -5.96 -19.06 26.54
C PRO A 990 -5.44 -17.64 26.46
N GLU A 991 -4.15 -17.49 26.22
CA GLU A 991 -3.53 -16.17 26.08
C GLU A 991 -4.36 -15.10 26.78
N GLU A 992 -3.97 -14.77 28.00
CA GLU A 992 -4.81 -13.95 28.89
C GLU A 992 -4.27 -12.52 28.98
N HIS A 993 -4.58 -11.86 30.09
CA HIS A 993 -3.71 -10.82 30.61
C HIS A 993 -4.19 -9.44 30.17
N THR A 994 -3.29 -8.46 30.25
CA THR A 994 -3.27 -7.37 29.28
C THR A 994 -3.89 -6.10 29.83
N GLN A 995 -3.13 -5.01 29.76
CA GLN A 995 -3.58 -3.76 30.27
C GLN A 995 -4.45 -3.06 29.24
N LYS A 996 -5.49 -2.40 29.70
CA LYS A 996 -6.23 -1.51 28.85
C LYS A 996 -5.32 -0.39 28.34
N LEU A 997 -5.41 -0.09 27.05
CA LEU A 997 -4.70 1.05 26.49
C LEU A 997 -5.60 2.27 26.38
N ASP A 998 -5.27 3.31 27.13
CA ASP A 998 -5.95 4.61 27.01
C ASP A 998 -4.95 5.58 26.49
N VAL A 999 -5.00 5.80 25.18
CA VAL A 999 -4.04 6.72 24.56
C VAL A 999 -4.10 8.15 25.09
N CYS A 1000 -5.29 8.59 25.55
CA CYS A 1000 -5.45 9.92 26.10
C CYS A 1000 -4.65 10.20 27.37
N HIS A 1001 -4.29 9.15 28.12
CA HIS A 1001 -3.43 9.34 29.31
C HIS A 1001 -1.95 8.92 29.06
N LEU A 1002 -1.53 8.74 27.81
CA LEU A 1002 -0.09 8.54 27.54
C LEU A 1002 0.82 9.72 27.85
N LEU A 1003 0.33 10.94 27.66
CA LEU A 1003 1.09 12.12 27.97
C LEU A 1003 0.45 12.85 29.14
N PRO A 1004 1.28 13.56 29.95
CA PRO A 1004 0.68 14.12 31.17
C PRO A 1004 -0.14 15.43 30.95
N ASN A 1005 -0.78 15.93 32.02
CA ASN A 1005 -1.54 17.15 31.90
C ASN A 1005 -2.68 17.09 30.85
N VAL A 1006 -3.34 15.93 30.72
CA VAL A 1006 -4.46 15.82 29.78
C VAL A 1006 -5.63 16.71 30.29
N ALA A 1007 -6.29 17.42 29.40
CA ALA A 1007 -7.40 18.30 29.71
C ALA A 1007 -8.65 17.96 28.93
N ARG A 1008 -8.47 17.19 27.84
CA ARG A 1008 -9.60 16.77 27.02
C ARG A 1008 -9.13 15.58 26.20
N CYS A 1009 -10.08 14.77 25.86
CA CYS A 1009 -9.85 13.61 25.01
C CYS A 1009 -11.05 13.51 24.09
N GLU A 1010 -10.80 13.56 22.77
CA GLU A 1010 -11.86 13.55 21.77
C GLU A 1010 -11.66 12.37 20.82
N ARG A 1011 -12.76 11.74 20.41
CA ARG A 1011 -12.72 10.84 19.25
C ARG A 1011 -12.93 11.67 18.02
N THR A 1012 -12.18 11.40 16.94
CA THR A 1012 -12.21 12.27 15.80
C THR A 1012 -12.32 11.40 14.54
N THR A 1013 -12.54 12.05 13.41
CA THR A 1013 -12.35 11.32 12.14
C THR A 1013 -10.86 10.87 12.06
N LEU A 1014 -10.58 9.90 11.17
CA LEU A 1014 -9.22 9.32 11.13
C LEU A 1014 -8.15 10.27 10.65
N THR A 1015 -8.56 11.38 10.02
CA THR A 1015 -7.69 12.47 9.60
C THR A 1015 -7.46 13.48 10.71
N PHE A 1016 -8.11 13.26 11.87
CA PHE A 1016 -8.05 14.21 13.02
C PHE A 1016 -8.76 15.58 12.85
N LEU A 1017 -9.54 15.76 11.77
CA LEU A 1017 -10.01 17.09 11.35
C LEU A 1017 -11.37 17.43 11.89
N GLN A 1018 -12.09 16.44 12.40
CA GLN A 1018 -13.40 16.74 13.00
C GLN A 1018 -13.61 15.96 14.29
N ASN A 1019 -14.04 16.66 15.37
CA ASN A 1019 -14.34 15.98 16.65
C ASN A 1019 -15.71 15.33 16.57
N LEU A 1020 -15.77 14.07 16.94
CA LEU A 1020 -16.99 13.29 16.85
C LEU A 1020 -17.62 13.03 18.19
N GLU A 1021 -16.79 12.97 19.23
CA GLU A 1021 -17.29 12.71 20.58
C GLU A 1021 -16.33 13.25 21.63
N HIS A 1022 -16.89 13.96 22.62
CA HIS A 1022 -16.09 14.48 23.74
C HIS A 1022 -16.12 13.39 24.81
N LEU A 1023 -14.97 12.89 25.23
CA LEU A 1023 -14.94 11.61 25.97
C LEU A 1023 -14.89 11.74 27.48
N ASP A 1024 -15.77 11.03 28.16
CA ASP A 1024 -15.84 11.04 29.65
C ASP A 1024 -14.56 10.67 30.36
N GLY A 1025 -14.21 11.44 31.39
CA GLY A 1025 -12.98 11.17 32.16
C GLY A 1025 -11.72 11.30 31.31
N MET A 1026 -11.84 11.91 30.11
CA MET A 1026 -10.73 11.98 29.17
C MET A 1026 -10.09 10.61 28.92
N VAL A 1027 -10.94 9.57 28.78
CA VAL A 1027 -10.49 8.18 28.55
C VAL A 1027 -10.86 7.80 27.11
N ALA A 1028 -9.87 7.37 26.31
CA ALA A 1028 -10.15 6.77 24.98
C ALA A 1028 -10.44 5.30 25.10
N PRO A 1029 -11.70 4.86 24.77
CA PRO A 1029 -12.02 3.46 24.80
C PRO A 1029 -11.19 2.69 23.74
N GLU A 1030 -11.07 1.37 23.92
CA GLU A 1030 -10.52 0.60 22.83
C GLU A 1030 -11.63 0.27 21.77
N VAL A 1031 -11.19 -0.18 20.60
CA VAL A 1031 -12.08 -0.35 19.46
C VAL A 1031 -12.36 -1.83 19.31
N CYS A 1032 -13.37 -2.16 18.49
CA CYS A 1032 -13.82 -3.51 18.28
C CYS A 1032 -12.92 -4.19 17.23
N PRO A 1033 -12.98 -5.53 17.16
CA PRO A 1033 -12.21 -6.21 16.10
C PRO A 1033 -12.59 -5.67 14.73
N MET A 1034 -11.54 -5.43 13.91
CA MET A 1034 -11.69 -4.90 12.54
C MET A 1034 -12.14 -3.44 12.49
N GLU A 1035 -12.13 -2.74 13.61
CA GLU A 1035 -12.45 -1.33 13.63
C GLU A 1035 -11.19 -0.48 13.80
N THR A 1036 -11.22 0.76 13.30
CA THR A 1036 -10.14 1.72 13.41
C THR A 1036 -10.77 3.02 13.93
N ALA A 1037 -10.19 3.66 14.95
CA ALA A 1037 -10.75 4.89 15.56
C ALA A 1037 -9.54 5.84 15.69
N ALA A 1038 -9.82 7.12 15.76
CA ALA A 1038 -8.84 8.15 15.98
C ALA A 1038 -9.26 8.95 17.23
N TYR A 1039 -8.23 9.32 18.02
CA TYR A 1039 -8.41 10.13 19.25
C TYR A 1039 -7.41 11.22 19.23
N VAL A 1040 -7.81 12.37 19.76
CA VAL A 1040 -6.90 13.45 19.98
C VAL A 1040 -6.95 13.84 21.45
N SER A 1041 -5.77 13.82 22.08
CA SER A 1041 -5.65 14.25 23.46
C SER A 1041 -5.16 15.69 23.50
N SER A 1042 -5.72 16.51 24.41
CA SER A 1042 -5.30 17.94 24.50
C SER A 1042 -4.68 18.12 25.88
N HIS A 1043 -3.62 18.94 25.93
CA HIS A 1043 -2.75 19.01 27.14
C HIS A 1043 -2.40 20.45 27.42
N SER A 1044 -2.60 20.88 28.64
CA SER A 1044 -2.17 22.26 28.93
C SER A 1044 -0.64 22.26 29.08
N SER A 1045 -0.02 23.27 28.45
CA SER A 1045 1.45 23.44 28.37
C SER A 1045 1.88 24.91 28.57
#